data_7BV7
#
_entry.id   7BV7
#
_cell.length_a   60.570
_cell.length_b   126.030
_cell.length_c   84.440
_cell.angle_alpha   90.000
_cell.angle_beta   102.120
_cell.angle_gamma   90.000
#
_symmetry.space_group_name_H-M   'P 1 21 1'
#
loop_
_entity.id
_entity.type
_entity.pdbx_description
1 polymer 'Integrator complex subunit 3'
2 polymer 'Integrator complex subunit 6'
3 water water
#
loop_
_entity_poly.entity_id
_entity_poly.type
_entity_poly.pdbx_seq_one_letter_code
_entity_poly.pdbx_strand_id
1 'polypeptide(L)'
;TVVEEPVDITPYLDQLDESLRDKVLQLQKGSDTEAQCEVMQEIVDQVLEEDFDSEQLSVLASCLQELFKAHFRGEVLPEE
ITEESLEESVGKPLYLIFRNLCQMQEDNSSFSLLLDLLSELYQKQPKIGYHLLYYLRASKAAAGKMNLYESFAQATQLGD
LHTCLMMDMKACQEDDVRLLCHLTPSIYTEFPDETLRSGELLNMIVAVIDSAQLQELVCHVMMGNLVMFRKDSVLNILIQ
SLDWETFEQYCAWQLFLAHNIPLETIIPILQHLKYKEHPEALSCLLLQLRREKPSEEMVKMVLSRPCHPDDQFTTSILRH
WCMKHDELLAEHIKSLLIKNNSLPRKRQSLRSSSSKLAQLTLEQILEHLDNLRLNLTNTKQNFFSQTPILQALQHVQASC
DEAHKMKFSDLFSLAEEYEDSSTKPPKSRRKAALSS
;
A,B
2 'polypeptide(L)'
;MHCRSHEEVNTELKAQIMKEIRKPGRKYERIFTLLKHVQGSLQTRLIFLQNVIKEASRFKKRMLIEQLENFLDEIHRRAN
QINHINSN
;
C
#
# COMPACT_ATOMS: atom_id res chain seq x y z
N GLN A 36 46.46 -6.62 -4.87
CA GLN A 36 47.04 -6.90 -6.18
C GLN A 36 48.07 -8.01 -6.10
N CYS A 37 48.57 -8.27 -4.89
CA CYS A 37 49.55 -9.34 -4.69
C CYS A 37 48.91 -10.71 -4.90
N GLU A 38 47.87 -11.01 -4.12
CA GLU A 38 47.22 -12.31 -4.21
C GLU A 38 46.49 -12.49 -5.54
N VAL A 39 46.17 -11.41 -6.25
CA VAL A 39 45.61 -11.53 -7.60
C VAL A 39 46.67 -12.07 -8.55
N MET A 40 47.87 -11.48 -8.50
CA MET A 40 48.99 -11.97 -9.29
C MET A 40 49.32 -13.41 -8.93
N GLN A 41 49.18 -13.77 -7.65
CA GLN A 41 49.39 -15.16 -7.26
C GLN A 41 48.26 -16.05 -7.78
N GLU A 42 47.03 -15.54 -7.81
CA GLU A 42 45.88 -16.33 -8.22
C GLU A 42 45.95 -16.66 -9.70
N ILE A 43 46.46 -15.73 -10.52
CA ILE A 43 46.66 -16.06 -11.93
C ILE A 43 47.64 -17.22 -12.07
N VAL A 44 48.65 -17.28 -11.19
CA VAL A 44 49.59 -18.39 -11.23
C VAL A 44 48.92 -19.68 -10.78
N ASP A 45 48.08 -19.59 -9.74
CA ASP A 45 47.31 -20.76 -9.30
C ASP A 45 46.44 -21.31 -10.42
N GLN A 46 45.79 -20.42 -11.18
CA GLN A 46 44.92 -20.86 -12.27
C GLN A 46 45.73 -21.35 -13.46
N VAL A 47 46.95 -20.82 -13.65
CA VAL A 47 47.74 -21.18 -14.82
C VAL A 47 48.45 -22.52 -14.66
N LEU A 48 48.51 -23.06 -13.44
CA LEU A 48 49.23 -24.31 -13.22
C LEU A 48 48.60 -25.47 -14.00
N GLU A 49 47.27 -25.44 -14.18
CA GLU A 49 46.57 -26.49 -14.92
C GLU A 49 46.44 -26.11 -16.39
N GLN A 56 43.26 -33.52 -8.45
CA GLN A 56 42.13 -33.13 -7.60
C GLN A 56 42.22 -31.67 -7.21
N LEU A 57 41.06 -31.02 -7.11
CA LEU A 57 40.99 -29.60 -6.79
C LEU A 57 40.03 -29.32 -5.64
N SER A 58 39.55 -30.35 -4.93
CA SER A 58 38.58 -30.15 -3.87
C SER A 58 39.24 -29.68 -2.58
N VAL A 59 40.36 -30.30 -2.21
CA VAL A 59 41.11 -29.81 -1.06
C VAL A 59 41.60 -28.38 -1.34
N LEU A 60 42.04 -28.13 -2.58
CA LEU A 60 42.37 -26.78 -2.98
C LEU A 60 41.14 -25.87 -2.88
N ALA A 61 39.95 -26.40 -3.20
CA ALA A 61 38.73 -25.60 -3.09
C ALA A 61 38.46 -25.19 -1.65
N SER A 62 38.67 -26.11 -0.70
CA SER A 62 38.51 -25.77 0.72
C SER A 62 39.57 -24.79 1.18
N CYS A 63 40.80 -24.93 0.67
CA CYS A 63 41.83 -23.95 0.96
C CYS A 63 41.44 -22.56 0.47
N LEU A 64 40.88 -22.48 -0.74
CA LEU A 64 40.42 -21.20 -1.27
C LEU A 64 39.23 -20.65 -0.48
N GLN A 65 38.37 -21.54 0.02
CA GLN A 65 37.28 -21.10 0.88
C GLN A 65 37.81 -20.43 2.14
N GLU A 66 38.74 -21.11 2.83
CA GLU A 66 39.34 -20.53 4.02
C GLU A 66 40.06 -19.21 3.70
N LEU A 67 40.66 -19.16 2.52
CA LEU A 67 41.46 -17.96 2.16
C LEU A 67 40.56 -16.84 1.66
N PHE A 68 39.41 -17.18 1.10
CA PHE A 68 38.53 -16.12 0.55
C PHE A 68 37.39 -15.81 1.53
N LYS A 69 37.54 -16.21 2.79
CA LYS A 69 36.51 -15.97 3.84
C LYS A 69 36.19 -14.47 3.99
N ALA A 70 37.20 -13.62 3.86
CA ALA A 70 37.08 -12.14 3.95
C ALA A 70 35.85 -11.63 3.19
N HIS A 71 35.86 -11.71 1.87
CA HIS A 71 34.74 -11.10 1.10
C HIS A 71 33.54 -12.06 0.97
N PHE A 72 32.93 -12.44 2.10
CA PHE A 72 31.75 -13.33 2.11
C PHE A 72 30.97 -13.04 3.40
N GLU A 75 28.42 -6.75 2.16
CA GLU A 75 28.03 -6.00 0.96
C GLU A 75 28.97 -6.34 -0.20
N VAL A 76 28.37 -6.81 -1.30
CA VAL A 76 29.16 -7.19 -2.51
C VAL A 76 29.25 -5.95 -3.40
N LEU A 77 28.29 -5.05 -3.26
CA LEU A 77 28.23 -3.83 -4.09
C LEU A 77 28.98 -2.70 -3.41
N PRO A 78 29.58 -1.76 -4.18
CA PRO A 78 30.21 -0.58 -3.60
C PRO A 78 29.13 0.48 -3.32
N GLU A 79 29.49 1.56 -2.61
CA GLU A 79 28.50 2.60 -2.28
C GLU A 79 28.14 3.48 -3.49
N GLU A 80 28.90 3.48 -4.57
CA GLU A 80 28.56 4.31 -5.75
C GLU A 80 28.07 3.41 -6.89
N GLU A 83 30.71 2.60 -12.19
CA GLU A 83 31.66 2.92 -13.26
C GLU A 83 33.04 2.37 -12.92
N GLU A 84 33.86 3.21 -12.28
CA GLU A 84 35.11 2.70 -11.69
C GLU A 84 34.83 1.94 -10.40
N SER A 85 33.71 2.26 -9.74
CA SER A 85 33.31 1.51 -8.55
C SER A 85 33.17 0.03 -8.86
N LEU A 86 32.45 -0.31 -9.93
CA LEU A 86 32.22 -1.72 -10.26
C LEU A 86 33.50 -2.41 -10.71
N GLU A 87 34.39 -1.69 -11.40
CA GLU A 87 35.66 -2.31 -11.82
C GLU A 87 36.54 -2.60 -10.62
N GLU A 88 36.69 -1.63 -9.71
CA GLU A 88 37.41 -1.91 -8.48
C GLU A 88 36.75 -3.01 -7.67
N SER A 89 35.42 -3.14 -7.77
CA SER A 89 34.72 -4.22 -7.08
C SER A 89 35.11 -5.58 -7.65
N VAL A 90 35.19 -5.68 -8.99
CA VAL A 90 35.48 -6.94 -9.65
C VAL A 90 36.97 -7.23 -9.76
N GLY A 91 37.80 -6.33 -9.22
CA GLY A 91 39.26 -6.49 -9.26
C GLY A 91 39.80 -7.39 -8.16
N LYS A 92 38.95 -7.96 -7.31
CA LYS A 92 39.42 -8.84 -6.20
C LYS A 92 39.86 -10.21 -6.72
N PRO A 93 40.58 -11.02 -5.91
CA PRO A 93 41.11 -12.31 -6.33
C PRO A 93 40.11 -13.35 -6.86
N LEU A 94 39.12 -13.66 -6.03
CA LEU A 94 38.07 -14.67 -6.36
C LEU A 94 37.52 -14.39 -7.75
N TYR A 95 37.49 -13.14 -8.19
CA TYR A 95 36.87 -12.86 -9.50
C TYR A 95 37.86 -13.12 -10.65
N LEU A 96 39.13 -13.34 -10.35
CA LEU A 96 40.12 -13.60 -11.43
C LEU A 96 39.79 -14.96 -12.05
N ILE A 97 39.37 -15.93 -11.23
CA ILE A 97 38.99 -17.23 -11.84
C ILE A 97 37.79 -17.04 -12.77
N PHE A 98 36.82 -16.19 -12.40
CA PHE A 98 35.70 -15.92 -13.32
C PHE A 98 36.25 -15.26 -14.58
N ARG A 99 37.17 -14.31 -14.40
CA ARG A 99 37.82 -13.58 -15.52
C ARG A 99 38.57 -14.56 -16.43
N ASN A 100 39.20 -15.57 -15.83
CA ASN A 100 39.89 -16.59 -16.64
C ASN A 100 38.83 -17.41 -17.39
N LEU A 101 37.70 -17.72 -16.74
CA LEU A 101 36.68 -18.49 -17.43
C LEU A 101 36.02 -17.68 -18.54
N CYS A 102 35.98 -16.36 -18.38
CA CYS A 102 35.43 -15.47 -19.40
C CYS A 102 36.37 -15.39 -20.60
N SER A 112 36.97 -25.47 -18.63
CA SER A 112 36.27 -26.76 -18.35
C SER A 112 36.89 -27.41 -17.11
N LEU A 113 38.20 -27.30 -16.98
CA LEU A 113 38.83 -27.82 -15.74
C LEU A 113 38.69 -26.72 -14.68
N LEU A 114 38.56 -25.49 -15.16
CA LEU A 114 38.39 -24.34 -14.25
C LEU A 114 36.98 -24.44 -13.66
N LEU A 115 36.02 -24.88 -14.47
CA LEU A 115 34.62 -25.02 -14.04
C LEU A 115 34.49 -26.06 -12.93
N ASP A 116 35.30 -27.10 -12.92
CA ASP A 116 35.20 -28.09 -11.82
C ASP A 116 35.79 -27.50 -10.55
N LEU A 117 36.76 -26.59 -10.68
CA LEU A 117 37.34 -25.95 -9.49
C LEU A 117 36.25 -25.04 -8.91
N LEU A 118 35.54 -24.35 -9.80
CA LEU A 118 34.41 -23.47 -9.44
C LEU A 118 33.32 -24.35 -8.84
N SER A 119 32.99 -25.43 -9.55
CA SER A 119 31.96 -26.37 -9.08
C SER A 119 32.29 -26.85 -7.68
N GLU A 120 33.55 -27.24 -7.42
CA GLU A 120 34.00 -27.71 -6.09
C GLU A 120 34.01 -26.54 -5.12
N LEU A 121 34.25 -25.34 -5.65
CA LEU A 121 34.24 -24.13 -4.81
C LEU A 121 32.78 -23.86 -4.43
N TYR A 122 31.88 -24.07 -5.37
CA TYR A 122 30.44 -23.83 -5.13
C TYR A 122 29.94 -24.73 -4.00
N GLN A 123 30.27 -26.03 -4.07
CA GLN A 123 29.81 -27.02 -3.07
C GLN A 123 30.18 -26.50 -1.70
N LYS A 124 31.36 -25.92 -1.55
CA LYS A 124 31.79 -25.50 -0.20
C LYS A 124 31.27 -24.10 0.15
N GLN A 125 31.33 -23.20 -0.81
CA GLN A 125 30.88 -21.80 -0.62
C GLN A 125 29.70 -21.57 -1.56
N PRO A 126 28.44 -21.60 -1.10
CA PRO A 126 27.31 -21.41 -2.00
C PRO A 126 27.13 -19.96 -2.47
N LYS A 127 27.55 -18.99 -1.67
CA LYS A 127 27.36 -17.58 -2.06
C LYS A 127 28.14 -17.29 -3.34
N ILE A 128 28.94 -18.24 -3.79
CA ILE A 128 29.74 -18.05 -5.03
C ILE A 128 28.79 -17.79 -6.20
N GLY A 129 27.66 -18.48 -6.21
CA GLY A 129 26.64 -18.36 -7.26
C GLY A 129 26.24 -16.93 -7.52
N TYR A 130 25.77 -16.20 -6.51
CA TYR A 130 25.36 -14.86 -6.89
C TYR A 130 26.57 -13.97 -7.12
N HIS A 131 27.70 -14.27 -6.47
CA HIS A 131 28.94 -13.55 -6.76
C HIS A 131 29.29 -13.67 -8.23
N LEU A 132 29.02 -14.83 -8.84
CA LEU A 132 29.23 -14.96 -10.27
C LEU A 132 28.28 -14.04 -11.04
N LEU A 133 26.99 -14.08 -10.68
CA LEU A 133 26.00 -13.29 -11.40
C LEU A 133 26.38 -11.82 -11.39
N TYR A 134 26.61 -11.27 -10.19
CA TYR A 134 27.08 -9.90 -10.05
C TYR A 134 28.28 -9.63 -10.95
N TYR A 135 29.26 -10.54 -10.94
CA TYR A 135 30.43 -10.35 -11.79
C TYR A 135 30.02 -10.20 -13.25
N LEU A 136 29.18 -11.12 -13.73
CA LEU A 136 28.78 -11.10 -15.13
C LEU A 136 27.95 -9.87 -15.47
N ARG A 137 27.57 -9.07 -14.48
CA ARG A 137 26.90 -7.80 -14.70
C ARG A 137 27.77 -6.59 -14.42
N ALA A 138 28.88 -6.77 -13.71
CA ALA A 138 29.69 -5.64 -13.25
C ALA A 138 31.02 -5.51 -13.97
N SER A 139 31.36 -6.44 -14.85
CA SER A 139 32.65 -6.46 -15.53
C SER A 139 32.45 -6.21 -17.03
N LYS A 140 33.19 -5.24 -17.56
CA LYS A 140 33.30 -5.13 -19.01
C LYS A 140 33.95 -6.36 -19.62
N ALA A 141 34.68 -7.12 -18.81
CA ALA A 141 35.29 -8.37 -19.26
C ALA A 141 34.23 -9.39 -19.62
N LYS A 145 27.20 -12.86 -22.40
CA LYS A 145 26.95 -12.12 -21.16
C LYS A 145 26.95 -13.04 -19.96
N MET A 146 25.97 -13.94 -19.91
CA MET A 146 25.75 -14.85 -18.77
C MET A 146 25.88 -16.32 -19.15
N ASN A 147 26.36 -16.62 -20.37
CA ASN A 147 26.54 -18.01 -20.77
C ASN A 147 27.43 -18.77 -19.77
N LEU A 148 28.41 -18.07 -19.18
CA LEU A 148 29.23 -18.69 -18.14
C LEU A 148 28.37 -19.19 -16.99
N TYR A 149 27.32 -18.45 -16.65
CA TYR A 149 26.43 -18.92 -15.59
C TYR A 149 25.65 -20.15 -16.01
N GLU A 150 25.24 -20.23 -17.29
CA GLU A 150 24.63 -21.45 -17.79
C GLU A 150 25.55 -22.65 -17.61
N SER A 151 26.80 -22.51 -18.07
CA SER A 151 27.76 -23.60 -17.94
C SER A 151 28.00 -23.96 -16.47
N PHE A 152 28.07 -22.95 -15.60
CA PHE A 152 28.35 -23.19 -14.19
C PHE A 152 27.18 -23.90 -13.51
N ALA A 153 25.94 -23.53 -13.87
CA ALA A 153 24.78 -24.18 -13.29
C ALA A 153 24.62 -25.60 -13.80
N GLN A 154 25.01 -25.86 -15.05
CA GLN A 154 24.93 -27.22 -15.59
C GLN A 154 25.95 -28.16 -14.96
N ALA A 155 26.92 -27.65 -14.20
CA ALA A 155 27.91 -28.49 -13.54
C ALA A 155 27.48 -28.96 -12.16
N THR A 156 26.45 -28.35 -11.58
CA THR A 156 26.01 -28.73 -10.25
C THR A 156 25.49 -30.17 -10.23
N GLN A 157 25.17 -30.65 -9.03
CA GLN A 157 24.72 -32.04 -8.87
C GLN A 157 23.44 -32.29 -9.64
N LEU A 158 22.46 -31.39 -9.51
CA LEU A 158 21.25 -31.52 -10.31
C LEU A 158 21.43 -30.96 -11.71
N GLY A 159 22.25 -29.91 -11.86
CA GLY A 159 22.54 -29.35 -13.16
C GLY A 159 21.44 -28.49 -13.75
N ASP A 160 20.37 -28.25 -13.02
CA ASP A 160 19.21 -27.54 -13.55
C ASP A 160 19.42 -26.04 -13.38
N LEU A 161 19.52 -25.33 -14.51
CA LEU A 161 19.81 -23.91 -14.50
C LEU A 161 18.78 -23.12 -13.69
N HIS A 162 17.49 -23.44 -13.85
CA HIS A 162 16.43 -22.71 -13.13
C HIS A 162 16.60 -22.86 -11.63
N THR A 163 16.95 -24.05 -11.18
CA THR A 163 17.02 -24.29 -9.74
C THR A 163 18.27 -23.64 -9.16
N CYS A 164 19.41 -23.75 -9.86
CA CYS A 164 20.61 -23.07 -9.39
C CYS A 164 20.40 -21.56 -9.33
N LEU A 165 19.72 -21.01 -10.34
CA LEU A 165 19.39 -19.59 -10.31
C LEU A 165 18.52 -19.25 -9.10
N MET A 166 17.50 -20.06 -8.83
CA MET A 166 16.62 -19.80 -7.70
C MET A 166 17.37 -19.90 -6.37
N MET A 167 18.26 -20.89 -6.24
CA MET A 167 19.02 -21.04 -5.00
C MET A 167 19.98 -19.88 -4.80
N ASP A 168 20.64 -19.43 -5.87
CA ASP A 168 21.55 -18.30 -5.74
C ASP A 168 20.80 -17.01 -5.44
N MET A 169 19.63 -16.82 -6.05
CA MET A 169 18.84 -15.64 -5.75
C MET A 169 18.29 -15.67 -4.33
N LYS A 170 17.93 -16.86 -3.81
CA LYS A 170 17.50 -16.96 -2.43
C LYS A 170 18.64 -16.69 -1.47
N ALA A 171 19.84 -17.20 -1.76
CA ALA A 171 21.00 -16.91 -0.93
C ALA A 171 21.32 -15.42 -0.93
N CYS A 172 21.18 -14.77 -2.08
CA CYS A 172 21.43 -13.34 -2.18
C CYS A 172 20.36 -12.54 -1.43
N GLN A 173 19.11 -12.96 -1.53
CA GLN A 173 18.03 -12.34 -0.76
C GLN A 173 18.30 -12.44 0.74
N GLU A 174 18.83 -13.58 1.18
CA GLU A 174 19.14 -13.73 2.59
C GLU A 174 20.39 -12.95 2.98
N ASP A 175 21.31 -12.73 2.05
CA ASP A 175 22.61 -12.16 2.39
C ASP A 175 22.76 -10.69 2.01
N ASP A 176 22.05 -10.21 1.00
CA ASP A 176 22.12 -8.81 0.62
C ASP A 176 20.95 -8.42 -0.27
N VAL A 177 20.02 -7.64 0.27
CA VAL A 177 18.81 -7.27 -0.47
C VAL A 177 19.14 -6.26 -1.57
N ARG A 178 20.12 -5.39 -1.34
CA ARG A 178 20.48 -4.39 -2.34
C ARG A 178 21.03 -5.04 -3.60
N LEU A 179 21.88 -6.06 -3.44
CA LEU A 179 22.40 -6.77 -4.59
C LEU A 179 21.29 -7.50 -5.34
N LEU A 180 20.35 -8.09 -4.60
CA LEU A 180 19.20 -8.72 -5.25
C LEU A 180 18.39 -7.72 -6.06
N CYS A 181 18.16 -6.53 -5.49
CA CYS A 181 17.37 -5.51 -6.19
C CYS A 181 18.10 -5.02 -7.43
N HIS A 182 19.43 -4.91 -7.37
CA HIS A 182 20.18 -4.47 -8.54
C HIS A 182 20.36 -5.56 -9.58
N LEU A 183 20.29 -6.83 -9.19
CA LEU A 183 20.43 -7.93 -10.13
C LEU A 183 19.11 -8.29 -10.81
N THR A 184 17.99 -8.03 -10.13
CA THR A 184 16.68 -8.45 -10.63
C THR A 184 16.41 -8.09 -12.10
N PRO A 185 16.63 -6.85 -12.57
CA PRO A 185 16.32 -6.55 -13.97
C PRO A 185 17.07 -7.43 -14.96
N SER A 186 18.40 -7.56 -14.79
CA SER A 186 19.17 -8.37 -15.72
C SER A 186 18.88 -9.86 -15.57
N ILE A 187 18.54 -10.31 -14.36
CA ILE A 187 18.18 -11.71 -14.18
C ILE A 187 16.88 -12.01 -14.91
N TYR A 188 15.91 -11.11 -14.85
CA TYR A 188 14.66 -11.31 -15.58
C TYR A 188 14.85 -11.16 -17.08
N THR A 189 15.76 -10.29 -17.51
CA THR A 189 15.94 -10.04 -18.94
C THR A 189 16.73 -11.15 -19.61
N GLU A 190 17.79 -11.63 -18.97
CA GLU A 190 18.65 -12.66 -19.55
C GLU A 190 18.17 -14.07 -19.27
N PHE A 191 17.37 -14.28 -18.24
CA PHE A 191 16.75 -15.58 -17.96
C PHE A 191 15.24 -15.41 -17.83
N PRO A 192 14.58 -14.89 -18.87
CA PRO A 192 13.12 -14.69 -18.76
C PRO A 192 12.39 -16.00 -18.57
N ASP A 193 12.79 -17.01 -19.35
CA ASP A 193 12.10 -18.29 -19.37
C ASP A 193 12.14 -18.97 -18.02
N GLU A 194 13.24 -18.86 -17.30
CA GLU A 194 13.39 -19.47 -15.99
C GLU A 194 12.90 -18.59 -14.84
N THR A 195 12.25 -17.47 -15.15
CA THR A 195 11.85 -16.52 -14.11
C THR A 195 10.39 -16.10 -14.27
N LEU A 196 9.91 -16.02 -15.50
CA LEU A 196 8.60 -15.44 -15.76
C LEU A 196 7.46 -16.41 -15.50
N ARG A 197 7.71 -17.72 -15.62
CA ARG A 197 6.63 -18.69 -15.69
C ARG A 197 6.00 -19.02 -14.34
N SER A 198 6.50 -18.47 -13.24
CA SER A 198 5.81 -18.55 -11.95
C SER A 198 6.45 -17.54 -11.01
N GLY A 199 5.85 -17.40 -9.83
CA GLY A 199 6.19 -16.31 -8.93
C GLY A 199 7.10 -16.66 -7.77
N GLU A 200 7.93 -17.69 -7.91
CA GLU A 200 8.89 -18.01 -6.85
C GLU A 200 9.90 -16.89 -6.67
N LEU A 201 10.49 -16.43 -7.77
CA LEU A 201 11.44 -15.32 -7.70
C LEU A 201 10.75 -14.02 -7.29
N LEU A 202 9.55 -13.78 -7.84
CA LEU A 202 8.77 -12.63 -7.40
C LEU A 202 8.48 -12.71 -5.91
N ASN A 203 8.17 -13.91 -5.41
CA ASN A 203 7.94 -14.09 -3.98
C ASN A 203 9.19 -13.75 -3.18
N MET A 204 10.35 -14.24 -3.63
CA MET A 204 11.62 -13.88 -2.98
C MET A 204 11.78 -12.37 -2.90
N ILE A 205 11.53 -11.69 -4.03
CA ILE A 205 11.81 -10.25 -4.10
C ILE A 205 10.85 -9.47 -3.19
N VAL A 206 9.55 -9.67 -3.35
CA VAL A 206 8.58 -8.91 -2.57
C VAL A 206 8.61 -9.22 -1.09
N ALA A 207 9.31 -10.30 -0.70
CA ALA A 207 9.39 -10.65 0.71
C ALA A 207 10.38 -9.80 1.49
N VAL A 208 11.28 -9.08 0.82
CA VAL A 208 12.35 -8.38 1.53
C VAL A 208 12.49 -6.93 1.08
N ILE A 209 11.80 -6.53 0.02
CA ILE A 209 11.96 -5.17 -0.47
C ILE A 209 11.24 -4.19 0.45
N ASP A 210 11.70 -2.95 0.42
CA ASP A 210 11.04 -1.83 1.08
C ASP A 210 10.41 -0.91 0.04
N SER A 211 9.82 0.19 0.53
CA SER A 211 9.08 1.07 -0.37
C SER A 211 9.98 1.72 -1.41
N ALA A 212 11.22 2.04 -1.02
CA ALA A 212 12.16 2.64 -1.97
C ALA A 212 12.51 1.65 -3.09
N GLN A 213 12.83 0.42 -2.72
CA GLN A 213 13.14 -0.60 -3.73
C GLN A 213 11.91 -0.96 -4.54
N LEU A 214 10.72 -0.89 -3.95
CA LEU A 214 9.50 -1.12 -4.71
C LEU A 214 9.31 -0.05 -5.78
N GLN A 215 9.49 1.22 -5.40
CA GLN A 215 9.38 2.29 -6.40
C GLN A 215 10.44 2.16 -7.48
N GLU A 216 11.66 1.73 -7.10
CA GLU A 216 12.69 1.55 -8.11
C GLU A 216 12.33 0.43 -9.08
N LEU A 217 11.76 -0.67 -8.58
CA LEU A 217 11.36 -1.76 -9.46
C LEU A 217 10.20 -1.34 -10.36
N VAL A 218 9.26 -0.55 -9.82
CA VAL A 218 8.16 -0.04 -10.62
C VAL A 218 8.69 0.84 -11.75
N CYS A 219 9.67 1.69 -11.44
CA CYS A 219 10.25 2.53 -12.47
C CYS A 219 10.99 1.71 -13.51
N HIS A 220 11.68 0.65 -13.07
CA HIS A 220 12.35 -0.25 -14.01
C HIS A 220 11.36 -0.90 -14.95
N VAL A 221 10.19 -1.28 -14.43
CA VAL A 221 9.16 -1.87 -15.29
C VAL A 221 8.64 -0.85 -16.28
N MET A 222 8.25 0.34 -15.78
CA MET A 222 7.63 1.34 -16.64
C MET A 222 8.59 1.89 -17.68
N MET A 223 9.90 1.75 -17.48
CA MET A 223 10.88 2.22 -18.44
C MET A 223 11.29 1.16 -19.45
N GLY A 224 10.68 -0.03 -19.41
CA GLY A 224 10.95 -1.06 -20.39
C GLY A 224 12.19 -1.87 -20.12
N ASN A 225 12.79 -1.76 -18.94
CA ASN A 225 14.00 -2.48 -18.59
C ASN A 225 13.73 -3.66 -17.66
N LEU A 226 12.46 -4.01 -17.44
CA LEU A 226 12.15 -5.07 -16.49
C LEU A 226 10.81 -5.69 -16.85
N VAL A 227 10.81 -7.00 -17.06
CA VAL A 227 9.59 -7.76 -17.33
C VAL A 227 9.51 -8.90 -16.32
N MET A 228 8.46 -8.88 -15.49
CA MET A 228 8.25 -9.90 -14.46
C MET A 228 7.04 -10.77 -14.71
N PHE A 229 6.13 -10.37 -15.59
CA PHE A 229 4.98 -11.19 -15.94
C PHE A 229 4.82 -11.29 -17.46
N ARG A 230 4.36 -12.44 -17.92
CA ARG A 230 3.81 -12.58 -19.27
C ARG A 230 2.32 -12.85 -19.18
N LYS A 231 1.58 -12.42 -20.20
CA LYS A 231 0.13 -12.50 -20.17
C LYS A 231 -0.36 -13.93 -20.01
N ASP A 232 0.42 -14.92 -20.47
CA ASP A 232 -0.02 -16.30 -20.40
C ASP A 232 0.15 -16.92 -19.02
N SER A 233 0.84 -16.25 -18.09
CA SER A 233 1.10 -16.82 -16.77
C SER A 233 0.76 -15.92 -15.61
N VAL A 234 0.41 -14.64 -15.84
CA VAL A 234 0.27 -13.69 -14.75
C VAL A 234 -0.92 -14.04 -13.85
N LEU A 235 -1.99 -14.59 -14.43
CA LEU A 235 -3.18 -14.91 -13.65
C LEU A 235 -2.88 -15.97 -12.61
N ASN A 236 -2.25 -17.08 -13.03
CA ASN A 236 -1.91 -18.14 -12.08
C ASN A 236 -0.90 -17.66 -11.05
N ILE A 237 -0.01 -16.73 -11.44
CA ILE A 237 0.96 -16.20 -10.48
C ILE A 237 0.25 -15.38 -9.40
N LEU A 238 -0.71 -14.55 -9.78
CA LEU A 238 -1.46 -13.80 -8.78
C LEU A 238 -2.31 -14.74 -7.91
N ILE A 239 -2.87 -15.77 -8.53
CA ILE A 239 -3.67 -16.74 -7.78
C ILE A 239 -2.83 -17.43 -6.71
N GLN A 240 -1.61 -17.84 -7.08
CA GLN A 240 -0.74 -18.45 -6.08
C GLN A 240 -0.21 -17.42 -5.08
N SER A 241 -0.11 -16.16 -5.50
CA SER A 241 0.32 -15.10 -4.59
C SER A 241 -0.74 -14.81 -3.53
N LEU A 242 -1.99 -15.16 -3.79
CA LEU A 242 -3.05 -15.00 -2.79
C LEU A 242 -2.71 -15.64 -1.45
N ASP A 243 -1.68 -16.50 -1.41
CA ASP A 243 -1.23 -17.15 -0.19
C ASP A 243 -0.09 -16.42 0.51
N TRP A 244 0.36 -15.29 -0.03
CA TRP A 244 1.54 -14.61 0.50
C TRP A 244 1.15 -13.63 1.61
N GLU A 245 2.17 -13.04 2.23
CA GLU A 245 1.95 -12.04 3.27
C GLU A 245 1.33 -10.78 2.68
N THR A 246 0.80 -9.93 3.57
CA THR A 246 0.00 -8.79 3.13
C THR A 246 0.82 -7.83 2.27
N PHE A 247 2.01 -7.43 2.75
CA PHE A 247 2.83 -6.50 1.99
C PHE A 247 3.37 -7.16 0.72
N GLU A 248 3.65 -8.46 0.77
CA GLU A 248 4.06 -9.18 -0.43
C GLU A 248 3.01 -9.08 -1.51
N GLN A 249 1.73 -9.34 -1.16
CA GLN A 249 0.65 -9.20 -2.12
C GLN A 249 0.53 -7.76 -2.61
N TYR A 250 0.65 -6.79 -1.70
CA TYR A 250 0.55 -5.38 -2.11
C TYR A 250 1.59 -5.04 -3.17
N CYS A 251 2.85 -5.39 -2.91
CA CYS A 251 3.93 -5.11 -3.87
C CYS A 251 3.75 -5.88 -5.16
N ALA A 252 3.29 -7.13 -5.09
CA ALA A 252 3.03 -7.89 -6.30
C ALA A 252 1.99 -7.18 -7.17
N TRP A 253 0.94 -6.64 -6.54
CA TRP A 253 -0.08 -5.94 -7.30
C TRP A 253 0.44 -4.63 -7.86
N GLN A 254 1.27 -3.91 -7.11
CA GLN A 254 1.85 -2.68 -7.63
C GLN A 254 2.73 -2.95 -8.84
N LEU A 255 3.51 -4.03 -8.80
CA LEU A 255 4.34 -4.39 -9.96
C LEU A 255 3.48 -4.80 -11.15
N PHE A 256 2.45 -5.61 -10.92
CA PHE A 256 1.52 -5.94 -12.00
C PHE A 256 0.96 -4.68 -12.65
N LEU A 257 0.52 -3.73 -11.83
CA LEU A 257 0.02 -2.46 -12.36
C LEU A 257 1.09 -1.72 -13.14
N ALA A 258 2.35 -1.82 -12.70
CA ALA A 258 3.44 -1.21 -13.46
C ALA A 258 3.56 -1.84 -14.84
N HIS A 259 3.21 -3.13 -14.98
CA HIS A 259 3.37 -3.78 -16.27
C HIS A 259 2.34 -3.34 -17.31
N ASN A 260 1.28 -2.64 -16.92
CA ASN A 260 0.22 -2.20 -17.83
C ASN A 260 -0.32 -3.37 -18.66
N ILE A 261 -0.56 -4.49 -17.99
CA ILE A 261 -1.24 -5.63 -18.61
C ILE A 261 -2.73 -5.38 -18.44
N PRO A 262 -3.55 -5.63 -19.46
CA PRO A 262 -4.98 -5.32 -19.35
C PRO A 262 -5.63 -6.02 -18.15
N LEU A 263 -6.45 -5.24 -17.42
CA LEU A 263 -7.20 -5.81 -16.31
C LEU A 263 -8.06 -6.99 -16.75
N GLU A 264 -8.52 -6.99 -18.00
CA GLU A 264 -9.30 -8.09 -18.52
C GLU A 264 -8.54 -9.40 -18.45
N THR A 265 -7.20 -9.35 -18.49
CA THR A 265 -6.40 -10.57 -18.47
C THR A 265 -6.52 -11.31 -17.15
N ILE A 266 -6.61 -10.57 -16.04
CA ILE A 266 -6.60 -11.16 -14.70
C ILE A 266 -7.94 -11.07 -14.00
N ILE A 267 -8.94 -10.43 -14.61
CA ILE A 267 -10.26 -10.32 -14.00
C ILE A 267 -10.91 -11.66 -13.68
N PRO A 268 -10.52 -12.80 -14.28
CA PRO A 268 -11.05 -14.08 -13.77
C PRO A 268 -10.67 -14.39 -12.32
N ILE A 269 -9.70 -13.68 -11.74
CA ILE A 269 -9.33 -13.94 -10.35
C ILE A 269 -10.44 -13.60 -9.37
N LEU A 270 -11.50 -12.93 -9.84
CA LEU A 270 -12.61 -12.60 -8.97
C LEU A 270 -13.35 -13.85 -8.45
N GLN A 271 -13.16 -14.99 -9.10
CA GLN A 271 -13.74 -16.24 -8.63
C GLN A 271 -12.96 -16.83 -7.45
N HIS A 272 -11.74 -16.37 -7.21
CA HIS A 272 -10.90 -16.88 -6.14
C HIS A 272 -10.79 -15.94 -4.95
N LEU A 273 -11.23 -14.69 -5.09
CA LEU A 273 -11.05 -13.69 -4.04
C LEU A 273 -12.18 -13.79 -3.02
N LYS A 274 -11.82 -14.07 -1.78
CA LYS A 274 -12.77 -14.09 -0.67
C LYS A 274 -12.63 -12.79 0.12
N TYR A 275 -13.77 -12.17 0.44
CA TYR A 275 -13.75 -10.85 1.07
C TYR A 275 -13.05 -10.86 2.42
N LYS A 276 -13.17 -11.95 3.17
CA LYS A 276 -12.57 -12.02 4.50
C LYS A 276 -11.10 -12.43 4.46
N GLU A 277 -10.64 -13.04 3.36
CA GLU A 277 -9.31 -13.61 3.31
C GLU A 277 -8.34 -12.86 2.40
N HIS A 278 -8.84 -12.10 1.42
CA HIS A 278 -7.98 -11.44 0.43
C HIS A 278 -8.34 -9.97 0.29
N PRO A 279 -8.12 -9.16 1.34
CA PRO A 279 -8.49 -7.75 1.26
C PRO A 279 -7.51 -6.91 0.45
N GLU A 280 -6.24 -7.32 0.38
CA GLU A 280 -5.27 -6.57 -0.41
C GLU A 280 -5.58 -6.67 -1.90
N ALA A 281 -5.72 -7.91 -2.40
CA ALA A 281 -6.03 -8.11 -3.81
C ALA A 281 -7.37 -7.48 -4.17
N LEU A 282 -8.39 -7.68 -3.34
CA LEU A 282 -9.70 -7.12 -3.64
C LEU A 282 -9.69 -5.60 -3.59
N SER A 283 -8.93 -5.03 -2.65
CA SER A 283 -8.77 -3.57 -2.59
C SER A 283 -8.17 -3.04 -3.88
N CYS A 284 -7.02 -3.59 -4.28
CA CYS A 284 -6.36 -3.12 -5.49
C CYS A 284 -7.25 -3.31 -6.71
N LEU A 285 -7.92 -4.46 -6.80
CA LEU A 285 -8.77 -4.72 -7.95
C LEU A 285 -9.97 -3.78 -8.00
N LEU A 286 -10.55 -3.46 -6.84
CA LEU A 286 -11.64 -2.49 -6.80
C LEU A 286 -11.18 -1.12 -7.26
N LEU A 287 -10.04 -0.66 -6.74
CA LEU A 287 -9.52 0.65 -7.10
C LEU A 287 -9.12 0.72 -8.58
N GLN A 288 -8.75 -0.42 -9.17
CA GLN A 288 -8.43 -0.43 -10.60
C GLN A 288 -9.70 -0.51 -11.45
N LEU A 289 -10.67 -1.32 -11.04
CA LEU A 289 -11.90 -1.48 -11.81
C LEU A 289 -12.72 -0.20 -11.81
N ARG A 290 -12.63 0.60 -10.75
CA ARG A 290 -13.41 1.85 -10.71
C ARG A 290 -12.99 2.84 -11.79
N ARG A 291 -11.87 2.61 -12.47
CA ARG A 291 -11.41 3.49 -13.54
C ARG A 291 -11.68 2.91 -14.93
N GLU A 292 -12.27 1.73 -15.01
CA GLU A 292 -12.54 1.12 -16.32
C GLU A 292 -14.00 1.30 -16.74
N LYS A 293 -14.23 1.36 -18.04
CA LYS A 293 -15.59 1.33 -18.60
C LYS A 293 -15.90 -0.16 -18.59
N PRO A 294 -16.90 -0.64 -17.83
CA PRO A 294 -17.20 -2.07 -17.73
C PRO A 294 -17.34 -2.78 -19.08
N SER A 295 -16.96 -4.05 -19.16
CA SER A 295 -16.84 -4.66 -20.51
C SER A 295 -17.75 -5.86 -20.68
N GLU A 296 -18.86 -5.98 -19.92
CA GLU A 296 -19.79 -7.16 -19.95
C GLU A 296 -19.18 -8.37 -19.21
N GLU A 297 -18.03 -8.86 -19.64
CA GLU A 297 -17.26 -9.91 -18.94
C GLU A 297 -16.83 -9.33 -17.58
N MET A 298 -16.48 -8.04 -17.52
CA MET A 298 -16.16 -7.47 -16.21
C MET A 298 -17.37 -7.52 -15.29
N VAL A 299 -18.52 -7.06 -15.77
CA VAL A 299 -19.75 -7.13 -14.99
C VAL A 299 -20.15 -8.58 -14.74
N LYS A 300 -19.89 -9.48 -15.70
CA LYS A 300 -20.23 -10.88 -15.51
C LYS A 300 -19.46 -11.49 -14.36
N MET A 301 -18.17 -11.22 -14.27
CA MET A 301 -17.36 -11.75 -13.19
C MET A 301 -17.62 -11.02 -11.87
N VAL A 302 -18.01 -9.74 -11.94
CA VAL A 302 -18.43 -9.05 -10.72
C VAL A 302 -19.68 -9.69 -10.15
N LEU A 303 -20.63 -10.05 -11.02
CA LEU A 303 -21.89 -10.65 -10.58
C LEU A 303 -21.75 -12.12 -10.22
N SER A 304 -20.69 -12.79 -10.67
CA SER A 304 -20.47 -14.20 -10.34
C SER A 304 -19.94 -14.39 -8.92
N ARG A 305 -19.62 -13.32 -8.22
CA ARG A 305 -19.25 -13.45 -6.81
C ARG A 305 -20.49 -13.80 -5.99
N PRO A 306 -20.43 -14.81 -5.14
CA PRO A 306 -21.59 -15.10 -4.27
C PRO A 306 -21.82 -13.98 -3.29
N CYS A 307 -23.09 -13.77 -2.96
CA CYS A 307 -23.48 -12.75 -2.01
C CYS A 307 -23.25 -13.24 -0.58
N HIS A 308 -22.50 -12.46 0.20
CA HIS A 308 -22.28 -12.71 1.61
C HIS A 308 -22.54 -11.43 2.39
N PRO A 309 -23.05 -11.55 3.63
CA PRO A 309 -23.49 -10.34 4.36
C PRO A 309 -22.46 -9.24 4.45
N ASP A 310 -21.18 -9.57 4.53
CA ASP A 310 -20.14 -8.56 4.71
C ASP A 310 -19.37 -8.23 3.43
N ASP A 311 -19.61 -8.95 2.35
CA ASP A 311 -18.93 -8.70 1.08
C ASP A 311 -19.58 -7.50 0.40
N GLN A 312 -18.83 -6.40 0.31
CA GLN A 312 -19.33 -5.16 -0.27
C GLN A 312 -18.68 -4.80 -1.60
N PHE A 313 -17.79 -5.64 -2.13
CA PHE A 313 -17.06 -5.33 -3.35
C PHE A 313 -18.01 -5.09 -4.52
N THR A 314 -18.89 -6.07 -4.79
CA THR A 314 -19.77 -5.99 -5.94
C THR A 314 -20.65 -4.75 -5.89
N THR A 315 -21.21 -4.43 -4.72
CA THR A 315 -22.09 -3.27 -4.61
C THR A 315 -21.34 -1.97 -4.87
N SER A 316 -20.13 -1.82 -4.30
CA SER A 316 -19.34 -0.61 -4.50
C SER A 316 -18.99 -0.41 -5.98
N ILE A 317 -18.50 -1.46 -6.63
CA ILE A 317 -18.09 -1.31 -8.03
C ILE A 317 -19.31 -1.08 -8.92
N LEU A 318 -20.41 -1.77 -8.63
CA LEU A 318 -21.63 -1.58 -9.43
C LEU A 318 -22.18 -0.17 -9.24
N ARG A 319 -22.08 0.38 -8.02
CA ARG A 319 -22.56 1.73 -7.78
C ARG A 319 -21.73 2.74 -8.57
N HIS A 320 -20.40 2.61 -8.52
CA HIS A 320 -19.55 3.52 -9.30
C HIS A 320 -19.90 3.44 -10.79
N TRP A 321 -19.94 2.21 -11.33
CA TRP A 321 -20.22 2.04 -12.75
C TRP A 321 -21.59 2.60 -13.13
N CYS A 322 -22.61 2.33 -12.32
CA CYS A 322 -23.94 2.81 -12.63
C CYS A 322 -24.02 4.32 -12.53
N MET A 323 -23.21 4.94 -11.67
CA MET A 323 -23.30 6.39 -11.51
C MET A 323 -22.49 7.16 -12.54
N LYS A 324 -21.56 6.52 -13.25
CA LYS A 324 -20.89 7.18 -14.36
C LYS A 324 -20.87 6.42 -15.67
N HIS A 325 -21.49 5.25 -15.73
CA HIS A 325 -21.69 4.57 -17.01
C HIS A 325 -23.05 3.88 -16.93
N ASP A 326 -24.10 4.68 -16.75
CA ASP A 326 -25.40 4.13 -16.42
C ASP A 326 -25.97 3.31 -17.57
N GLU A 327 -25.97 3.86 -18.78
CA GLU A 327 -26.58 3.16 -19.89
C GLU A 327 -25.79 1.91 -20.28
N LEU A 328 -24.46 2.01 -20.29
CA LEU A 328 -23.64 0.85 -20.64
C LEU A 328 -23.81 -0.27 -19.61
N LEU A 329 -23.82 0.07 -18.33
CA LEU A 329 -24.01 -0.96 -17.30
C LEU A 329 -25.40 -1.55 -17.37
N ALA A 330 -26.42 -0.72 -17.63
CA ALA A 330 -27.77 -1.23 -17.79
C ALA A 330 -27.85 -2.21 -18.96
N GLU A 331 -27.17 -1.89 -20.06
CA GLU A 331 -27.15 -2.78 -21.21
C GLU A 331 -26.46 -4.09 -20.89
N HIS A 332 -25.31 -4.02 -20.21
CA HIS A 332 -24.59 -5.23 -19.83
C HIS A 332 -25.45 -6.12 -18.92
N ILE A 333 -26.12 -5.53 -17.94
CA ILE A 333 -26.94 -6.33 -17.03
C ILE A 333 -28.17 -6.87 -17.76
N LYS A 334 -28.73 -6.12 -18.70
CA LYS A 334 -29.84 -6.63 -19.50
C LYS A 334 -29.41 -7.89 -20.27
N SER A 335 -28.26 -7.81 -20.94
CA SER A 335 -27.78 -8.93 -21.73
C SER A 335 -27.42 -10.12 -20.83
N LEU A 336 -26.90 -9.86 -19.64
CA LEU A 336 -26.55 -10.96 -18.74
C LEU A 336 -27.79 -11.60 -18.12
N LEU A 337 -28.81 -10.79 -17.79
CA LEU A 337 -30.06 -11.33 -17.30
C LEU A 337 -30.73 -12.20 -18.35
N ILE A 338 -30.71 -11.74 -19.61
CA ILE A 338 -31.41 -12.45 -20.67
C ILE A 338 -30.69 -13.72 -21.07
N LYS A 339 -29.36 -13.75 -20.93
CA LYS A 339 -28.61 -14.99 -21.10
C LYS A 339 -28.75 -15.88 -19.87
N LEU A 360 -22.70 -18.32 -12.63
CA LEU A 360 -23.63 -17.21 -12.58
C LEU A 360 -25.06 -17.67 -12.81
N THR A 361 -25.93 -17.43 -11.83
CA THR A 361 -27.35 -17.77 -11.92
C THR A 361 -28.17 -16.49 -12.02
N LEU A 362 -29.43 -16.67 -12.43
CA LEU A 362 -30.34 -15.54 -12.56
C LEU A 362 -30.61 -14.88 -11.22
N GLU A 363 -30.87 -15.68 -10.19
CA GLU A 363 -31.22 -15.12 -8.89
C GLU A 363 -30.02 -14.47 -8.20
N GLN A 364 -28.80 -14.92 -8.50
CA GLN A 364 -27.64 -14.23 -7.99
C GLN A 364 -27.52 -12.83 -8.59
N ILE A 365 -27.81 -12.69 -9.88
CA ILE A 365 -27.83 -11.38 -10.52
C ILE A 365 -28.92 -10.51 -9.90
N LEU A 366 -30.13 -11.06 -9.76
CA LEU A 366 -31.21 -10.31 -9.12
C LEU A 366 -30.84 -9.92 -7.69
N GLU A 367 -30.06 -10.77 -7.02
CA GLU A 367 -29.64 -10.51 -5.64
C GLU A 367 -28.67 -9.34 -5.57
N HIS A 368 -27.67 -9.34 -6.45
CA HIS A 368 -26.76 -8.20 -6.53
C HIS A 368 -27.52 -6.94 -6.92
N LEU A 369 -28.52 -7.07 -7.80
CA LEU A 369 -29.32 -5.91 -8.21
C LEU A 369 -30.14 -5.37 -7.05
N ASP A 370 -30.65 -6.26 -6.19
CA ASP A 370 -31.40 -5.80 -5.02
C ASP A 370 -30.50 -5.12 -4.02
N ASN A 371 -29.28 -5.65 -3.82
CA ASN A 371 -28.32 -4.96 -2.98
C ASN A 371 -28.00 -3.57 -3.53
N LEU A 372 -27.82 -3.46 -4.84
CA LEU A 372 -27.57 -2.16 -5.45
C LEU A 372 -28.76 -1.22 -5.30
N ARG A 373 -29.98 -1.76 -5.45
CA ARG A 373 -31.17 -0.94 -5.28
C ARG A 373 -31.28 -0.41 -3.86
N LEU A 374 -30.95 -1.25 -2.87
CA LEU A 374 -30.93 -0.78 -1.49
C LEU A 374 -29.87 0.30 -1.29
N ASN A 375 -28.68 0.10 -1.88
CA ASN A 375 -27.62 1.10 -1.73
C ASN A 375 -27.98 2.43 -2.36
N LEU A 376 -28.65 2.39 -3.52
CA LEU A 376 -28.96 3.60 -4.27
C LEU A 376 -30.03 4.46 -3.62
N THR A 377 -30.64 4.02 -2.52
CA THR A 377 -31.59 4.88 -1.84
C THR A 377 -30.91 5.99 -1.05
N ASN A 378 -29.60 5.91 -0.83
CA ASN A 378 -28.88 7.01 -0.20
C ASN A 378 -28.49 8.10 -1.19
N THR A 379 -28.72 7.89 -2.48
CA THR A 379 -28.40 8.86 -3.52
C THR A 379 -29.67 9.32 -4.24
N LYS A 380 -29.52 9.89 -5.43
CA LYS A 380 -30.67 10.33 -6.21
C LYS A 380 -30.63 9.84 -7.65
N GLN A 381 -29.67 8.98 -8.00
CA GLN A 381 -29.55 8.50 -9.37
C GLN A 381 -30.68 7.54 -9.70
N ASN A 382 -31.16 7.62 -10.94
CA ASN A 382 -32.28 6.81 -11.40
C ASN A 382 -31.80 5.65 -12.29
N PHE A 383 -30.77 4.93 -11.84
CA PHE A 383 -30.22 3.85 -12.66
C PHE A 383 -31.28 2.80 -12.97
N PHE A 384 -32.20 2.56 -12.03
CA PHE A 384 -33.24 1.55 -12.22
C PHE A 384 -34.45 2.09 -12.98
N SER A 385 -34.40 3.34 -13.42
CA SER A 385 -35.42 3.87 -14.32
C SER A 385 -35.09 3.64 -15.78
N GLN A 386 -33.84 3.31 -16.09
CA GLN A 386 -33.46 2.99 -17.46
C GLN A 386 -34.20 1.75 -17.93
N THR A 387 -34.71 1.81 -19.15
CA THR A 387 -35.64 0.80 -19.66
C THR A 387 -35.00 -0.55 -20.01
N PRO A 388 -33.72 -0.63 -20.38
CA PRO A 388 -33.09 -1.96 -20.48
C PRO A 388 -33.25 -2.78 -19.21
N ILE A 389 -32.86 -2.23 -18.05
CA ILE A 389 -32.96 -2.94 -16.78
C ILE A 389 -34.41 -3.30 -16.48
N LEU A 390 -35.30 -2.30 -16.57
CA LEU A 390 -36.71 -2.51 -16.24
C LEU A 390 -37.30 -3.64 -17.07
N GLN A 391 -37.11 -3.58 -18.39
CA GLN A 391 -37.72 -4.58 -19.27
C GLN A 391 -37.08 -5.95 -19.11
N ALA A 392 -35.77 -6.00 -18.83
CA ALA A 392 -35.16 -7.29 -18.55
C ALA A 392 -35.76 -7.92 -17.31
N LEU A 393 -35.99 -7.12 -16.26
CA LEU A 393 -36.61 -7.62 -15.05
C LEU A 393 -38.02 -8.12 -15.32
N GLN A 394 -38.79 -7.31 -16.03
CA GLN A 394 -40.18 -7.65 -16.40
C GLN A 394 -40.19 -8.97 -17.18
N HIS A 395 -39.24 -9.16 -18.10
CA HIS A 395 -39.23 -10.34 -18.96
C HIS A 395 -38.81 -11.60 -18.20
N VAL A 396 -37.87 -11.46 -17.26
CA VAL A 396 -37.29 -12.63 -16.63
C VAL A 396 -37.93 -12.97 -15.28
N GLN A 397 -38.86 -12.15 -14.79
CA GLN A 397 -39.56 -12.53 -13.55
C GLN A 397 -40.25 -13.88 -13.68
N ALA A 398 -40.78 -14.19 -14.86
CA ALA A 398 -41.56 -15.41 -15.04
C ALA A 398 -40.74 -16.68 -14.87
N SER A 399 -39.41 -16.60 -14.97
CA SER A 399 -38.55 -17.78 -14.91
C SER A 399 -38.01 -18.05 -13.51
N CYS A 400 -38.49 -17.33 -12.50
CA CYS A 400 -38.17 -17.60 -11.11
C CYS A 400 -39.32 -18.36 -10.45
N ASP A 401 -38.97 -19.22 -9.50
CA ASP A 401 -40.04 -19.88 -8.74
C ASP A 401 -40.67 -18.88 -7.77
N GLU A 402 -41.78 -19.31 -7.17
CA GLU A 402 -42.57 -18.39 -6.35
C GLU A 402 -41.77 -17.88 -5.15
N ALA A 403 -40.96 -18.75 -4.55
CA ALA A 403 -40.15 -18.35 -3.40
C ALA A 403 -39.20 -17.20 -3.77
N HIS A 404 -38.64 -17.24 -4.97
CA HIS A 404 -37.75 -16.17 -5.40
C HIS A 404 -38.52 -14.99 -5.98
N LYS A 405 -39.72 -15.21 -6.51
CA LYS A 405 -40.58 -14.08 -6.85
C LYS A 405 -40.90 -13.24 -5.62
N MET A 406 -41.06 -13.88 -4.47
CA MET A 406 -41.30 -13.11 -3.25
C MET A 406 -40.00 -12.66 -2.58
N LYS A 407 -38.91 -13.41 -2.78
CA LYS A 407 -37.62 -12.97 -2.24
C LYS A 407 -37.20 -11.64 -2.85
N PHE A 408 -37.50 -11.43 -4.13
CA PHE A 408 -37.15 -10.22 -4.86
C PHE A 408 -38.38 -9.41 -5.24
N SER A 409 -39.36 -9.34 -4.33
CA SER A 409 -40.62 -8.66 -4.64
C SER A 409 -40.39 -7.19 -4.94
N ASP A 410 -39.72 -6.48 -4.02
CA ASP A 410 -39.54 -5.05 -4.17
C ASP A 410 -38.76 -4.70 -5.42
N LEU A 411 -37.88 -5.59 -5.89
CA LEU A 411 -37.16 -5.34 -7.12
C LEU A 411 -38.06 -5.55 -8.33
N PHE A 412 -38.78 -6.67 -8.37
CA PHE A 412 -39.66 -6.95 -9.50
C PHE A 412 -40.76 -5.90 -9.65
N SER A 413 -41.12 -5.22 -8.56
CA SER A 413 -42.18 -4.22 -8.60
C SER A 413 -41.82 -3.07 -9.53
N VAL B 24 -26.38 7.42 50.12
CA VAL B 24 -27.19 6.23 50.35
C VAL B 24 -27.54 5.56 49.02
N LEU B 25 -27.94 6.36 48.04
CA LEU B 25 -28.36 5.84 46.74
C LEU B 25 -27.19 5.41 45.86
N GLN B 26 -25.95 5.59 46.33
CA GLN B 26 -24.77 5.16 45.59
C GLN B 26 -24.07 3.97 46.22
N LEU B 27 -24.16 3.81 47.55
CA LEU B 27 -23.52 2.67 48.20
C LEU B 27 -24.27 1.37 47.94
N GLN B 28 -25.49 1.43 47.41
CA GLN B 28 -26.09 0.22 46.84
C GLN B 28 -25.48 -0.09 45.48
N LYS B 29 -25.06 0.95 44.75
CA LYS B 29 -24.42 0.77 43.45
C LYS B 29 -23.06 0.12 43.61
N GLU B 34 -26.28 -7.68 40.25
CA GLU B 34 -26.93 -7.86 38.95
C GLU B 34 -27.17 -6.52 38.28
N ALA B 35 -27.13 -6.52 36.95
CA ALA B 35 -27.18 -5.27 36.20
C ALA B 35 -28.53 -4.57 36.33
N GLN B 36 -29.62 -5.34 36.36
CA GLN B 36 -30.95 -4.75 36.35
C GLN B 36 -31.20 -3.89 37.58
N CYS B 37 -30.90 -4.42 38.76
CA CYS B 37 -30.95 -3.60 39.97
C CYS B 37 -30.09 -2.35 39.81
N GLU B 38 -28.91 -2.47 39.20
CA GLU B 38 -28.05 -1.29 39.14
C GLU B 38 -28.63 -0.22 38.22
N VAL B 39 -29.19 -0.59 37.07
CA VAL B 39 -29.75 0.44 36.18
C VAL B 39 -31.03 1.03 36.77
N MET B 40 -31.85 0.18 37.39
CA MET B 40 -33.04 0.65 38.07
C MET B 40 -32.72 1.51 39.27
N GLN B 41 -31.47 1.46 39.76
CA GLN B 41 -31.08 2.43 40.77
C GLN B 41 -30.46 3.69 40.18
N GLU B 42 -29.66 3.54 39.11
CA GLU B 42 -29.10 4.71 38.44
C GLU B 42 -30.20 5.64 37.95
N ILE B 43 -31.36 5.08 37.58
CA ILE B 43 -32.48 5.94 37.20
C ILE B 43 -32.93 6.78 38.37
N VAL B 44 -32.98 6.20 39.57
CA VAL B 44 -33.34 6.98 40.76
C VAL B 44 -32.28 8.03 41.05
N ASP B 45 -31.01 7.69 40.80
CA ASP B 45 -29.94 8.67 40.96
C ASP B 45 -30.20 9.89 40.10
N GLN B 46 -30.53 9.66 38.82
CA GLN B 46 -30.80 10.77 37.91
C GLN B 46 -32.06 11.53 38.32
N VAL B 47 -33.12 10.82 38.70
CA VAL B 47 -34.37 11.47 39.09
C VAL B 47 -34.15 12.38 40.30
N LEU B 48 -33.36 11.91 41.27
CA LEU B 48 -33.05 12.75 42.43
C LEU B 48 -32.15 13.91 42.06
N GLU B 49 -31.27 13.72 41.06
CA GLU B 49 -30.48 14.84 40.57
C GLU B 49 -31.35 15.89 39.90
N GLU B 50 -32.49 15.49 39.35
CA GLU B 50 -33.39 16.39 38.64
C GLU B 50 -34.16 17.35 39.57
N ASP B 51 -33.79 17.45 40.84
CA ASP B 51 -34.43 18.39 41.75
C ASP B 51 -33.53 18.68 42.96
N GLN B 56 -23.47 20.83 44.21
CA GLN B 56 -22.18 20.28 43.84
C GLN B 56 -22.34 18.87 43.30
N LEU B 57 -22.01 18.70 42.02
CA LEU B 57 -22.07 17.39 41.38
C LEU B 57 -20.69 16.81 41.11
N SER B 58 -19.62 17.51 41.50
CA SER B 58 -18.28 16.98 41.27
C SER B 58 -17.99 15.76 42.12
N VAL B 59 -18.48 15.75 43.37
CA VAL B 59 -18.21 14.62 44.25
C VAL B 59 -18.97 13.38 43.80
N LEU B 60 -20.21 13.56 43.35
CA LEU B 60 -20.94 12.45 42.72
C LEU B 60 -20.19 11.95 41.50
N ALA B 61 -19.61 12.87 40.73
CA ALA B 61 -18.81 12.48 39.58
C ALA B 61 -17.62 11.64 39.98
N SER B 62 -16.93 12.03 41.07
CA SER B 62 -15.80 11.23 41.54
C SER B 62 -16.23 9.84 41.97
N CYS B 63 -17.38 9.76 42.67
CA CYS B 63 -17.80 8.47 43.19
C CYS B 63 -18.26 7.53 42.07
N LEU B 64 -18.99 8.03 41.08
CA LEU B 64 -19.32 7.18 39.95
C LEU B 64 -18.12 6.93 39.04
N GLN B 65 -17.13 7.81 39.15
CA GLN B 65 -15.89 7.58 38.39
C GLN B 65 -15.26 6.31 38.96
N GLU B 66 -15.23 6.20 40.30
CA GLU B 66 -14.66 5.00 40.91
C GLU B 66 -15.56 3.79 40.72
N LEU B 67 -16.88 3.98 40.79
CA LEU B 67 -17.81 2.86 40.76
C LEU B 67 -18.00 2.27 39.37
N PHE B 68 -17.71 3.03 38.31
CA PHE B 68 -17.90 2.54 36.96
C PHE B 68 -16.60 2.22 36.24
N LYS B 69 -15.49 2.17 36.98
CA LYS B 69 -14.32 1.48 36.49
C LYS B 69 -14.66 0.00 36.27
N ALA B 70 -13.79 -0.69 35.54
CA ALA B 70 -14.00 -2.09 35.15
C ALA B 70 -15.14 -2.20 34.16
N HIS B 71 -15.78 -1.07 33.84
CA HIS B 71 -16.62 -0.97 32.66
C HIS B 71 -15.91 -0.29 31.51
N PHE B 72 -14.88 0.51 31.80
CA PHE B 72 -14.00 1.07 30.79
C PHE B 72 -12.85 0.09 30.58
N ARG B 73 -13.15 -0.97 29.83
CA ARG B 73 -12.20 -2.05 29.63
C ARG B 73 -11.66 -2.08 28.20
N GLU B 75 -13.14 -4.51 25.97
CA GLU B 75 -13.77 -4.15 24.67
C GLU B 75 -15.05 -3.36 24.91
N VAL B 76 -15.65 -2.85 23.84
CA VAL B 76 -16.88 -2.01 23.95
C VAL B 76 -17.89 -2.52 22.93
N LEU B 77 -17.41 -2.90 21.75
CA LEU B 77 -18.33 -3.35 20.69
C LEU B 77 -18.53 -4.85 20.82
N PRO B 78 -19.74 -5.40 20.55
CA PRO B 78 -19.96 -6.83 20.61
C PRO B 78 -19.59 -7.47 19.26
N GLU B 79 -19.60 -8.80 19.18
CA GLU B 79 -19.24 -9.50 17.92
C GLU B 79 -20.51 -10.04 17.27
N VAL B 90 -24.85 -1.86 26.08
CA VAL B 90 -25.96 -1.00 25.66
C VAL B 90 -26.86 -0.66 26.85
N GLY B 91 -27.11 -1.65 27.71
CA GLY B 91 -27.98 -1.49 28.86
C GLY B 91 -27.25 -1.24 30.16
N LYS B 92 -25.97 -0.91 30.10
CA LYS B 92 -25.18 -0.62 31.29
C LYS B 92 -25.72 0.60 32.01
N PRO B 93 -25.40 0.74 33.31
CA PRO B 93 -25.99 1.85 34.08
C PRO B 93 -25.54 3.23 33.64
N LEU B 94 -24.30 3.38 33.17
CA LEU B 94 -23.86 4.71 32.74
C LEU B 94 -24.63 5.18 31.52
N TYR B 95 -24.83 4.29 30.54
CA TYR B 95 -25.58 4.66 29.33
C TYR B 95 -26.98 5.16 29.67
N LEU B 96 -27.54 4.72 30.81
CA LEU B 96 -28.83 5.23 31.27
C LEU B 96 -28.86 6.75 31.28
N ILE B 97 -27.79 7.38 31.79
CA ILE B 97 -27.71 8.84 31.75
C ILE B 97 -27.89 9.33 30.31
N PHE B 98 -27.09 8.80 29.38
CA PHE B 98 -27.27 9.12 27.97
C PHE B 98 -28.73 8.96 27.58
N ARG B 99 -29.33 7.82 27.95
CA ARG B 99 -30.75 7.58 27.66
C ARG B 99 -31.60 8.75 28.12
N ASN B 100 -31.46 9.14 29.39
CA ASN B 100 -32.24 10.26 29.90
C ASN B 100 -31.99 11.51 29.05
N LEU B 101 -30.72 11.79 28.75
CA LEU B 101 -30.41 12.98 27.96
C LEU B 101 -31.03 12.90 26.57
N CYS B 102 -31.19 11.71 26.02
CA CYS B 102 -31.84 11.58 24.73
C CYS B 102 -33.34 11.80 24.85
N GLN B 103 -33.92 11.41 25.98
CA GLN B 103 -35.36 11.50 26.15
C GLN B 103 -35.80 12.83 26.76
N MET B 104 -34.95 13.48 27.54
CA MET B 104 -35.28 14.76 28.13
C MET B 104 -35.01 15.90 27.15
N ASN B 108 -35.65 20.25 29.85
CA ASN B 108 -35.01 21.50 29.43
C ASN B 108 -33.85 21.88 30.34
N SER B 109 -34.15 22.37 31.55
CA SER B 109 -33.08 22.62 32.51
C SER B 109 -32.56 21.30 33.11
N SER B 110 -33.39 20.25 33.09
CA SER B 110 -32.91 18.91 33.35
C SER B 110 -31.87 18.48 32.33
N PHE B 111 -32.06 18.89 31.07
CA PHE B 111 -31.06 18.66 30.03
C PHE B 111 -29.71 19.23 30.44
N SER B 112 -29.68 20.51 30.83
CA SER B 112 -28.43 21.15 31.23
C SER B 112 -27.86 20.53 32.50
N LEU B 113 -28.72 20.14 33.44
CA LEU B 113 -28.25 19.50 34.67
C LEU B 113 -27.51 18.21 34.36
N LEU B 114 -28.14 17.33 33.58
CA LEU B 114 -27.48 16.08 33.19
C LEU B 114 -26.25 16.35 32.35
N LEU B 115 -26.25 17.41 31.55
CA LEU B 115 -25.08 17.74 30.76
C LEU B 115 -23.91 18.14 31.66
N ASP B 116 -24.18 18.86 32.74
CA ASP B 116 -23.12 19.21 33.68
C ASP B 116 -22.62 17.98 34.43
N LEU B 117 -23.53 17.06 34.78
CA LEU B 117 -23.10 15.82 35.40
C LEU B 117 -22.17 15.04 34.47
N LEU B 118 -22.55 14.91 33.20
CA LEU B 118 -21.70 14.26 32.22
C LEU B 118 -20.38 15.02 32.06
N SER B 119 -20.42 16.35 32.12
CA SER B 119 -19.20 17.14 32.03
C SER B 119 -18.25 16.80 33.18
N GLU B 120 -18.78 16.71 34.40
CA GLU B 120 -17.94 16.40 35.54
C GLU B 120 -17.32 15.01 35.41
N LEU B 121 -18.14 14.02 35.04
CA LEU B 121 -17.59 12.68 34.90
C LEU B 121 -16.58 12.61 33.75
N TYR B 122 -16.84 13.34 32.66
CA TYR B 122 -15.92 13.38 31.54
C TYR B 122 -14.59 14.00 31.95
N GLN B 123 -14.63 15.03 32.79
CA GLN B 123 -13.40 15.57 33.36
C GLN B 123 -12.69 14.52 34.20
N LYS B 124 -13.45 13.72 34.95
CA LYS B 124 -12.83 12.66 35.74
C LYS B 124 -12.52 11.42 34.90
N GLN B 125 -13.31 11.15 33.87
CA GLN B 125 -13.13 9.96 33.03
C GLN B 125 -13.33 10.36 31.57
N PRO B 126 -12.23 10.58 30.82
CA PRO B 126 -12.38 11.05 29.43
C PRO B 126 -12.96 10.01 28.48
N LYS B 127 -12.77 8.72 28.76
CA LYS B 127 -13.23 7.70 27.82
C LYS B 127 -14.72 7.83 27.51
N ILE B 128 -15.50 8.33 28.49
CA ILE B 128 -16.91 8.66 28.35
C ILE B 128 -17.18 9.21 26.95
N GLY B 129 -16.32 10.13 26.50
CA GLY B 129 -16.42 10.71 25.18
C GLY B 129 -16.83 9.73 24.11
N TYR B 130 -15.96 8.76 23.79
CA TYR B 130 -16.32 7.88 22.69
C TYR B 130 -17.43 6.93 23.09
N HIS B 131 -17.54 6.60 24.38
CA HIS B 131 -18.68 5.81 24.84
C HIS B 131 -19.99 6.52 24.54
N LEU B 132 -19.99 7.85 24.54
CA LEU B 132 -21.18 8.57 24.09
C LEU B 132 -21.39 8.36 22.60
N LEU B 133 -20.33 8.57 21.80
CA LEU B 133 -20.46 8.42 20.36
C LEU B 133 -21.00 7.05 20.00
N TYR B 134 -20.36 6.00 20.51
CA TYR B 134 -20.85 4.64 20.33
C TYR B 134 -22.33 4.54 20.67
N TYR B 135 -22.73 5.07 21.83
CA TYR B 135 -24.13 5.02 22.20
C TYR B 135 -25.00 5.67 21.13
N LEU B 136 -24.62 6.88 20.71
CA LEU B 136 -25.41 7.59 19.71
C LEU B 136 -25.47 6.85 18.39
N ARG B 137 -24.63 5.84 18.20
CA ARG B 137 -24.67 5.02 17.00
C ARG B 137 -25.35 3.67 17.22
N ALA B 138 -25.41 3.18 18.46
CA ALA B 138 -25.89 1.84 18.71
C ALA B 138 -27.30 1.80 19.28
N SER B 139 -27.70 2.80 20.07
CA SER B 139 -29.00 2.77 20.72
C SER B 139 -30.09 3.21 19.75
N LYS B 140 -31.27 2.60 19.89
CA LYS B 140 -32.45 3.06 19.16
C LYS B 140 -33.02 4.32 19.80
N ALA B 141 -32.76 4.53 21.10
CA ALA B 141 -33.15 5.76 21.77
C ALA B 141 -32.42 6.97 21.20
N ALA B 142 -31.22 6.79 20.69
CA ALA B 142 -30.44 7.87 20.11
C ALA B 142 -30.72 8.06 18.62
N ALA B 143 -31.86 7.58 18.12
CA ALA B 143 -32.20 7.75 16.72
C ALA B 143 -32.37 9.22 16.37
N GLY B 144 -31.48 9.75 15.54
CA GLY B 144 -31.56 11.14 15.14
C GLY B 144 -31.19 12.13 16.22
N LYS B 145 -30.22 11.77 17.08
CA LYS B 145 -29.81 12.64 18.18
C LYS B 145 -28.30 12.70 18.32
N MET B 146 -27.57 12.65 17.20
CA MET B 146 -26.12 12.92 17.24
C MET B 146 -25.85 14.32 17.79
N ASN B 147 -26.78 15.26 17.56
CA ASN B 147 -26.69 16.60 18.11
C ASN B 147 -26.30 16.59 19.58
N LEU B 148 -26.78 15.61 20.34
CA LEU B 148 -26.46 15.51 21.76
C LEU B 148 -24.96 15.66 22.00
N TYR B 149 -24.14 14.91 21.25
CA TYR B 149 -22.70 14.98 21.43
C TYR B 149 -22.21 16.42 21.38
N GLU B 150 -22.64 17.17 20.37
CA GLU B 150 -22.26 18.58 20.27
C GLU B 150 -22.59 19.33 21.56
N SER B 151 -23.84 19.22 22.01
CA SER B 151 -24.20 19.88 23.27
C SER B 151 -23.38 19.33 24.42
N PHE B 152 -23.12 18.02 24.43
CA PHE B 152 -22.17 17.47 25.40
C PHE B 152 -20.85 18.21 25.32
N ALA B 153 -20.29 18.33 24.11
CA ALA B 153 -19.05 19.06 23.93
C ALA B 153 -19.18 20.52 24.34
N GLN B 154 -20.39 21.09 24.24
CA GLN B 154 -20.58 22.47 24.67
C GLN B 154 -20.58 22.56 26.20
N ALA B 155 -21.03 21.52 26.88
CA ALA B 155 -21.16 21.54 28.33
C ALA B 155 -19.91 21.06 29.06
N THR B 156 -18.85 20.71 28.33
CA THR B 156 -17.63 20.22 28.95
C THR B 156 -16.78 21.36 29.48
N GLN B 157 -15.92 21.02 30.43
CA GLN B 157 -14.94 21.95 30.96
C GLN B 157 -13.69 21.96 30.10
N ASP B 160 -14.11 22.90 22.49
CA ASP B 160 -15.46 22.86 21.89
C ASP B 160 -15.67 21.52 21.17
N LEU B 161 -16.58 21.47 20.20
CA LEU B 161 -16.92 20.23 19.51
C LEU B 161 -15.69 19.62 18.84
N HIS B 162 -14.93 20.44 18.11
CA HIS B 162 -13.76 19.93 17.40
C HIS B 162 -12.74 19.33 18.36
N THR B 163 -12.47 20.05 19.47
CA THR B 163 -11.50 19.62 20.47
C THR B 163 -11.86 18.26 21.06
N CYS B 164 -13.05 18.16 21.65
CA CYS B 164 -13.48 16.91 22.27
C CYS B 164 -13.62 15.79 21.24
N LEU B 165 -14.01 16.09 20.01
CA LEU B 165 -14.07 15.05 19.00
C LEU B 165 -12.68 14.49 18.70
N MET B 166 -11.70 15.37 18.52
CA MET B 166 -10.32 14.93 18.29
C MET B 166 -9.81 14.11 19.47
N MET B 167 -10.05 14.60 20.70
CA MET B 167 -9.56 13.91 21.89
C MET B 167 -10.23 12.54 22.06
N ASP B 168 -11.54 12.46 21.82
CA ASP B 168 -12.25 11.20 21.99
C ASP B 168 -11.87 10.21 20.89
N MET B 169 -11.67 10.69 19.65
CA MET B 169 -11.21 9.79 18.60
C MET B 169 -9.81 9.28 18.87
N LYS B 170 -8.94 10.14 19.43
CA LYS B 170 -7.60 9.69 19.81
C LYS B 170 -7.67 8.64 20.92
N ALA B 171 -8.50 8.88 21.94
CA ALA B 171 -8.66 7.90 23.01
C ALA B 171 -9.21 6.60 22.49
N CYS B 172 -10.15 6.66 21.53
CA CYS B 172 -10.72 5.44 20.96
C CYS B 172 -9.69 4.69 20.13
N GLN B 173 -8.87 5.42 19.38
CA GLN B 173 -7.77 4.78 18.64
C GLN B 173 -6.82 4.08 19.59
N GLU B 174 -6.55 4.69 20.75
CA GLU B 174 -5.65 4.07 21.71
C GLU B 174 -6.29 2.89 22.44
N ASP B 175 -7.61 2.90 22.60
CA ASP B 175 -8.29 1.90 23.42
C ASP B 175 -9.00 0.81 22.63
N ASP B 176 -9.57 1.13 21.46
CA ASP B 176 -10.44 0.18 20.77
C ASP B 176 -10.42 0.52 19.27
N VAL B 177 -9.54 -0.18 18.54
CA VAL B 177 -9.39 0.08 17.11
C VAL B 177 -10.64 -0.32 16.35
N ARG B 178 -11.30 -1.42 16.77
CA ARG B 178 -12.53 -1.84 16.11
C ARG B 178 -13.62 -0.77 16.24
N LEU B 179 -13.75 -0.19 17.44
CA LEU B 179 -14.75 0.85 17.65
C LEU B 179 -14.44 2.09 16.81
N LEU B 180 -13.16 2.46 16.72
CA LEU B 180 -12.77 3.58 15.86
C LEU B 180 -13.14 3.31 14.41
N CYS B 181 -12.84 2.09 13.93
CA CYS B 181 -13.18 1.72 12.57
C CYS B 181 -14.68 1.80 12.32
N HIS B 182 -15.48 1.35 13.29
CA HIS B 182 -16.92 1.34 13.11
C HIS B 182 -17.56 2.71 13.31
N LEU B 183 -16.89 3.62 14.02
CA LEU B 183 -17.40 4.97 14.23
C LEU B 183 -17.03 5.92 13.10
N THR B 184 -15.89 5.69 12.44
CA THR B 184 -15.38 6.61 11.43
C THR B 184 -16.43 7.08 10.41
N PRO B 185 -17.23 6.19 9.78
CA PRO B 185 -18.20 6.69 8.79
C PRO B 185 -19.18 7.70 9.36
N SER B 186 -19.80 7.41 10.50
CA SER B 186 -20.77 8.33 11.07
C SER B 186 -20.11 9.60 11.58
N ILE B 187 -18.88 9.52 12.09
CA ILE B 187 -18.20 10.72 12.55
C ILE B 187 -17.90 11.65 11.37
N TYR B 188 -17.46 11.08 10.25
CA TYR B 188 -17.20 11.92 9.08
C TYR B 188 -18.50 12.46 8.48
N THR B 189 -19.58 11.66 8.52
CA THR B 189 -20.82 12.09 7.90
C THR B 189 -21.51 13.18 8.73
N GLU B 190 -21.52 13.03 10.06
CA GLU B 190 -22.22 13.96 10.93
C GLU B 190 -21.40 15.20 11.27
N PHE B 191 -20.07 15.13 11.20
CA PHE B 191 -19.20 16.26 11.52
C PHE B 191 -18.21 16.51 10.39
N PRO B 192 -18.69 16.89 9.21
CA PRO B 192 -17.75 17.13 8.10
C PRO B 192 -16.88 18.36 8.32
N ASP B 193 -17.43 19.42 8.92
CA ASP B 193 -16.67 20.64 9.13
C ASP B 193 -15.61 20.50 10.22
N GLU B 194 -15.57 19.38 10.93
CA GLU B 194 -14.58 19.13 11.97
C GLU B 194 -13.64 17.99 11.63
N THR B 195 -13.85 17.30 10.51
CA THR B 195 -13.07 16.11 10.19
C THR B 195 -12.43 16.20 8.81
N LEU B 196 -13.07 16.90 7.88
CA LEU B 196 -12.61 16.91 6.50
C LEU B 196 -11.27 17.63 6.36
N ARG B 197 -11.09 18.74 7.06
CA ARG B 197 -9.83 19.49 7.02
C ARG B 197 -8.80 18.96 8.01
N SER B 198 -9.03 17.80 8.61
CA SER B 198 -8.22 17.29 9.71
C SER B 198 -7.34 16.16 9.19
N GLY B 199 -6.04 16.46 9.06
CA GLY B 199 -5.08 15.40 8.82
C GLY B 199 -4.79 14.55 10.05
N GLU B 200 -5.10 15.08 11.23
CA GLU B 200 -4.83 14.36 12.47
C GLU B 200 -5.76 13.16 12.62
N LEU B 201 -7.04 13.33 12.27
CA LEU B 201 -7.97 12.22 12.33
C LEU B 201 -7.59 11.12 11.34
N LEU B 202 -7.27 11.52 10.11
CA LEU B 202 -6.83 10.54 9.11
C LEU B 202 -5.56 9.84 9.56
N ASN B 203 -4.66 10.58 10.20
CA ASN B 203 -3.45 9.98 10.76
C ASN B 203 -3.80 8.93 11.82
N MET B 204 -4.68 9.29 12.75
CA MET B 204 -5.17 8.34 13.75
C MET B 204 -5.67 7.06 13.07
N ILE B 205 -6.51 7.22 12.06
CA ILE B 205 -7.14 6.05 11.45
C ILE B 205 -6.10 5.20 10.71
N VAL B 206 -5.34 5.79 9.80
CA VAL B 206 -4.39 5.03 9.00
C VAL B 206 -3.22 4.49 9.82
N ALA B 207 -3.06 4.95 11.07
CA ALA B 207 -1.98 4.41 11.89
C ALA B 207 -2.28 3.02 12.42
N VAL B 208 -3.55 2.69 12.68
CA VAL B 208 -3.90 1.46 13.38
C VAL B 208 -4.63 0.44 12.52
N ILE B 209 -5.04 0.80 11.32
CA ILE B 209 -5.85 -0.12 10.51
C ILE B 209 -4.95 -1.14 9.82
N ASP B 210 -5.51 -2.31 9.55
CA ASP B 210 -4.89 -3.32 8.71
C ASP B 210 -5.56 -3.33 7.33
N SER B 211 -5.24 -4.34 6.53
CA SER B 211 -5.75 -4.39 5.15
C SER B 211 -7.26 -4.60 5.12
N ALA B 212 -7.78 -5.41 6.05
CA ALA B 212 -9.22 -5.66 6.09
C ALA B 212 -10.00 -4.39 6.40
N GLN B 213 -9.56 -3.66 7.43
CA GLN B 213 -10.24 -2.42 7.79
C GLN B 213 -10.06 -1.33 6.74
N LEU B 214 -8.90 -1.32 6.07
CA LEU B 214 -8.72 -0.41 4.94
C LEU B 214 -9.71 -0.73 3.83
N GLN B 215 -9.89 -2.02 3.53
CA GLN B 215 -10.85 -2.42 2.50
C GLN B 215 -12.27 -2.04 2.92
N GLU B 216 -12.60 -2.19 4.20
CA GLU B 216 -13.91 -1.78 4.68
C GLU B 216 -14.13 -0.28 4.48
N LEU B 217 -13.13 0.53 4.81
CA LEU B 217 -13.24 1.97 4.61
C LEU B 217 -13.36 2.32 3.12
N VAL B 218 -12.62 1.61 2.26
CA VAL B 218 -12.69 1.86 0.82
C VAL B 218 -14.08 1.57 0.30
N CYS B 219 -14.66 0.44 0.72
CA CYS B 219 -16.02 0.11 0.29
C CYS B 219 -17.03 1.11 0.83
N HIS B 220 -16.83 1.58 2.06
CA HIS B 220 -17.69 2.63 2.60
C HIS B 220 -17.63 3.90 1.74
N VAL B 221 -16.43 4.28 1.33
CA VAL B 221 -16.27 5.46 0.47
C VAL B 221 -16.99 5.25 -0.86
N MET B 222 -16.74 4.11 -1.49
CA MET B 222 -17.28 3.88 -2.84
C MET B 222 -18.77 3.63 -2.84
N MET B 223 -19.36 3.22 -1.72
CA MET B 223 -20.80 3.06 -1.60
C MET B 223 -21.50 4.34 -1.21
N GLY B 224 -20.77 5.46 -1.12
CA GLY B 224 -21.38 6.72 -0.79
C GLY B 224 -21.72 6.93 0.67
N ASN B 225 -21.14 6.12 1.56
CA ASN B 225 -21.42 6.21 2.99
C ASN B 225 -20.33 6.94 3.75
N LEU B 226 -19.24 7.33 3.10
CA LEU B 226 -18.10 7.89 3.81
C LEU B 226 -17.36 8.86 2.90
N VAL B 227 -17.10 10.06 3.41
CA VAL B 227 -16.31 11.07 2.72
C VAL B 227 -15.22 11.55 3.67
N MET B 228 -13.96 11.30 3.32
CA MET B 228 -12.83 11.70 4.13
C MET B 228 -12.08 12.91 3.59
N PHE B 229 -12.17 13.18 2.29
CA PHE B 229 -11.48 14.32 1.69
C PHE B 229 -12.48 15.22 0.97
N ARG B 230 -12.13 16.51 0.91
CA ARG B 230 -12.80 17.47 0.04
C ARG B 230 -11.75 18.17 -0.79
N LYS B 231 -12.17 18.61 -1.99
CA LYS B 231 -11.21 19.12 -2.97
C LYS B 231 -10.38 20.29 -2.44
N ASP B 232 -10.96 21.08 -1.54
CA ASP B 232 -10.28 22.29 -1.05
C ASP B 232 -9.30 22.03 0.08
N SER B 233 -9.19 20.79 0.57
CA SER B 233 -8.32 20.49 1.69
C SER B 233 -7.47 19.23 1.52
N VAL B 234 -7.74 18.40 0.51
CA VAL B 234 -7.06 17.12 0.39
C VAL B 234 -5.58 17.31 0.07
N LEU B 235 -5.22 18.36 -0.67
CA LEU B 235 -3.83 18.58 -1.04
C LEU B 235 -2.96 18.86 0.18
N ASN B 236 -3.41 19.75 1.06
CA ASN B 236 -2.68 20.02 2.29
C ASN B 236 -2.58 18.77 3.15
N ILE B 237 -3.63 17.94 3.15
CA ILE B 237 -3.63 16.74 3.96
C ILE B 237 -2.61 15.74 3.44
N LEU B 238 -2.48 15.60 2.12
CA LEU B 238 -1.47 14.69 1.58
C LEU B 238 -0.06 15.24 1.76
N ILE B 239 0.10 16.56 1.69
CA ILE B 239 1.38 17.18 2.01
C ILE B 239 1.78 16.85 3.45
N GLN B 240 0.81 16.92 4.37
CA GLN B 240 1.04 16.44 5.73
C GLN B 240 1.42 14.97 5.72
N SER B 241 0.65 14.15 4.99
CA SER B 241 0.84 12.71 4.90
C SER B 241 2.28 12.31 4.58
N LEU B 242 2.96 13.11 3.78
CA LEU B 242 4.33 12.77 3.39
C LEU B 242 5.29 12.63 4.57
N ASP B 243 4.85 12.97 5.79
CA ASP B 243 5.69 12.81 6.98
C ASP B 243 5.37 11.55 7.78
N TRP B 244 4.35 10.78 7.37
CA TRP B 244 3.86 9.68 8.17
C TRP B 244 4.66 8.40 7.89
N GLU B 245 4.32 7.33 8.61
CA GLU B 245 4.96 6.05 8.42
C GLU B 245 4.56 5.46 7.05
N THR B 246 5.29 4.41 6.65
CA THR B 246 5.13 3.85 5.32
C THR B 246 3.70 3.37 5.07
N PHE B 247 3.23 2.43 5.90
CA PHE B 247 1.89 1.89 5.72
C PHE B 247 0.83 2.97 5.87
N GLU B 248 1.09 3.96 6.73
CA GLU B 248 0.16 5.08 6.87
C GLU B 248 0.00 5.83 5.54
N GLN B 249 1.11 6.08 4.84
CA GLN B 249 1.03 6.77 3.55
C GLN B 249 0.36 5.89 2.50
N TYR B 250 0.69 4.60 2.47
CA TYR B 250 0.02 3.69 1.54
C TYR B 250 -1.49 3.71 1.75
N CYS B 251 -1.92 3.64 3.02
CA CYS B 251 -3.35 3.66 3.32
C CYS B 251 -3.97 5.00 2.92
N ALA B 252 -3.28 6.11 3.20
CA ALA B 252 -3.80 7.42 2.82
C ALA B 252 -4.03 7.51 1.32
N TRP B 253 -3.09 6.99 0.53
CA TRP B 253 -3.24 7.07 -0.92
C TRP B 253 -4.34 6.14 -1.42
N GLN B 254 -4.43 4.94 -0.86
CA GLN B 254 -5.52 4.04 -1.24
C GLN B 254 -6.88 4.65 -0.91
N LEU B 255 -6.96 5.37 0.22
CA LEU B 255 -8.22 6.04 0.57
C LEU B 255 -8.52 7.19 -0.38
N PHE B 256 -7.49 7.97 -0.73
CA PHE B 256 -7.70 9.05 -1.69
C PHE B 256 -8.20 8.52 -3.02
N LEU B 257 -7.67 7.39 -3.47
CA LEU B 257 -8.07 6.84 -4.77
C LEU B 257 -9.52 6.37 -4.76
N ALA B 258 -10.06 6.02 -3.60
CA ALA B 258 -11.45 5.62 -3.51
C ALA B 258 -12.41 6.80 -3.68
N HIS B 259 -11.92 8.03 -3.60
CA HIS B 259 -12.77 9.21 -3.68
C HIS B 259 -12.91 9.67 -5.14
N ASN B 260 -13.77 10.67 -5.32
CA ASN B 260 -14.06 11.24 -6.65
C ASN B 260 -13.35 12.57 -6.85
N ILE B 261 -12.09 12.68 -6.47
CA ILE B 261 -11.35 13.93 -6.54
C ILE B 261 -10.32 13.80 -7.66
N PRO B 262 -10.31 14.70 -8.64
CA PRO B 262 -9.37 14.57 -9.76
C PRO B 262 -7.93 14.75 -9.31
N LEU B 263 -7.02 14.01 -9.96
CA LEU B 263 -5.60 14.13 -9.66
C LEU B 263 -5.09 15.54 -9.91
N GLU B 264 -5.72 16.27 -10.84
CA GLU B 264 -5.36 17.65 -11.10
C GLU B 264 -5.50 18.51 -9.85
N THR B 265 -6.35 18.10 -8.91
CA THR B 265 -6.52 18.87 -7.68
C THR B 265 -5.27 18.82 -6.81
N ILE B 266 -4.60 17.67 -6.77
CA ILE B 266 -3.48 17.44 -5.86
C ILE B 266 -2.14 17.41 -6.59
N ILE B 267 -2.13 17.66 -7.90
CA ILE B 267 -0.89 17.56 -8.67
C ILE B 267 0.19 18.55 -8.23
N PRO B 268 -0.08 19.67 -7.55
CA PRO B 268 1.03 20.48 -7.01
C PRO B 268 1.89 19.76 -5.99
N ILE B 269 1.43 18.64 -5.42
CA ILE B 269 2.22 17.92 -4.43
C ILE B 269 3.51 17.38 -5.03
N LEU B 270 3.61 17.32 -6.36
CA LEU B 270 4.84 16.87 -7.01
C LEU B 270 6.02 17.74 -6.63
N GLN B 271 5.80 19.04 -6.42
CA GLN B 271 6.87 19.93 -6.01
C GLN B 271 7.38 19.65 -4.60
N HIS B 272 6.69 18.81 -3.83
CA HIS B 272 7.10 18.46 -2.48
C HIS B 272 7.76 17.10 -2.38
N LEU B 273 7.67 16.28 -3.42
CA LEU B 273 8.12 14.89 -3.38
C LEU B 273 9.62 14.82 -3.68
N LYS B 274 10.39 14.33 -2.71
CA LYS B 274 11.81 14.08 -2.89
C LYS B 274 12.03 12.58 -3.03
N TYR B 275 12.87 12.18 -3.99
CA TYR B 275 12.89 10.79 -4.41
C TYR B 275 13.54 9.88 -3.37
N LYS B 276 14.43 10.42 -2.54
CA LYS B 276 15.01 9.64 -1.46
C LYS B 276 14.07 9.52 -0.26
N GLU B 277 13.16 10.47 -0.08
CA GLU B 277 12.37 10.56 1.14
C GLU B 277 10.93 10.09 0.99
N HIS B 278 10.34 10.21 -0.20
CA HIS B 278 8.92 9.90 -0.41
C HIS B 278 8.70 8.86 -1.50
N PRO B 279 9.23 7.64 -1.34
CA PRO B 279 9.00 6.62 -2.36
C PRO B 279 7.59 6.07 -2.36
N GLU B 280 6.90 6.07 -1.21
CA GLU B 280 5.54 5.58 -1.14
C GLU B 280 4.60 6.45 -1.98
N ALA B 281 4.61 7.76 -1.70
CA ALA B 281 3.76 8.68 -2.43
C ALA B 281 4.14 8.74 -3.90
N LEU B 282 5.45 8.71 -4.21
CA LEU B 282 5.86 8.71 -5.61
C LEU B 282 5.35 7.47 -6.33
N SER B 283 5.44 6.31 -5.68
CA SER B 283 4.89 5.08 -6.25
C SER B 283 3.42 5.21 -6.58
N CYS B 284 2.62 5.61 -5.58
CA CYS B 284 1.17 5.68 -5.77
C CYS B 284 0.81 6.72 -6.83
N LEU B 285 1.43 7.90 -6.75
CA LEU B 285 1.14 8.98 -7.67
C LEU B 285 1.56 8.63 -9.09
N LEU B 286 2.67 7.89 -9.26
CA LEU B 286 3.10 7.50 -10.59
C LEU B 286 2.13 6.49 -11.20
N LEU B 287 1.78 5.46 -10.43
CA LEU B 287 0.86 4.45 -10.94
C LEU B 287 -0.51 5.05 -11.25
N GLN B 288 -0.90 6.13 -10.58
CA GLN B 288 -2.16 6.78 -10.91
C GLN B 288 -2.03 7.80 -12.04
N LEU B 289 -0.88 8.48 -12.15
CA LEU B 289 -0.67 9.40 -13.26
C LEU B 289 -0.63 8.66 -14.58
N ARG B 290 -0.23 7.39 -14.56
CA ARG B 290 -0.32 6.53 -15.75
C ARG B 290 -1.65 6.68 -16.46
N ARG B 291 -2.75 6.70 -15.70
CA ARG B 291 -4.07 6.60 -16.27
C ARG B 291 -4.65 7.93 -16.73
N GLU B 292 -3.93 9.02 -16.56
CA GLU B 292 -4.47 10.35 -16.86
C GLU B 292 -4.08 10.78 -18.27
N LYS B 293 -5.01 11.47 -18.93
CA LYS B 293 -4.68 12.25 -20.11
C LYS B 293 -4.03 13.54 -19.63
N PRO B 294 -2.74 13.75 -19.89
CA PRO B 294 -2.00 14.77 -19.14
C PRO B 294 -2.38 16.19 -19.54
N SER B 295 -2.67 17.01 -18.54
CA SER B 295 -2.81 18.45 -18.68
C SER B 295 -1.46 19.10 -18.93
N GLU B 296 -1.48 20.37 -19.33
CA GLU B 296 -0.22 21.11 -19.41
C GLU B 296 0.32 21.38 -18.01
N GLU B 297 -0.56 21.59 -17.04
CA GLU B 297 -0.13 21.77 -15.65
C GLU B 297 0.48 20.50 -15.09
N MET B 298 -0.06 19.34 -15.47
CA MET B 298 0.48 18.07 -14.98
C MET B 298 1.88 17.83 -15.53
N VAL B 299 2.08 18.08 -16.84
CA VAL B 299 3.40 17.92 -17.43
C VAL B 299 4.36 18.94 -16.84
N LYS B 300 3.87 20.16 -16.55
CA LYS B 300 4.72 21.16 -15.93
C LYS B 300 5.16 20.72 -14.53
N MET B 301 4.24 20.15 -13.75
CA MET B 301 4.59 19.68 -12.41
C MET B 301 5.54 18.50 -12.47
N VAL B 302 5.38 17.62 -13.45
CA VAL B 302 6.30 16.50 -13.61
C VAL B 302 7.69 17.00 -13.97
N LEU B 303 7.77 17.93 -14.93
CA LEU B 303 9.05 18.48 -15.34
C LEU B 303 9.67 19.37 -14.27
N SER B 304 8.89 19.81 -13.28
CA SER B 304 9.40 20.65 -12.21
C SER B 304 10.15 19.87 -11.16
N ARG B 305 10.13 18.54 -11.20
CA ARG B 305 10.93 17.75 -10.29
C ARG B 305 12.41 17.93 -10.64
N PRO B 306 13.29 18.09 -9.65
CA PRO B 306 14.70 18.29 -9.94
C PRO B 306 15.30 17.09 -10.65
N CYS B 307 16.29 17.36 -11.49
CA CYS B 307 16.97 16.31 -12.24
C CYS B 307 17.97 15.61 -11.33
N HIS B 308 17.74 14.32 -11.08
CA HIS B 308 18.67 13.48 -10.36
C HIS B 308 18.83 12.19 -11.14
N PRO B 309 20.06 11.76 -11.44
CA PRO B 309 20.23 10.59 -12.31
C PRO B 309 19.62 9.31 -11.75
N ASP B 310 19.50 9.18 -10.43
CA ASP B 310 18.94 7.99 -9.82
C ASP B 310 17.42 8.02 -9.72
N ASP B 311 16.78 9.12 -10.09
CA ASP B 311 15.33 9.26 -10.02
C ASP B 311 14.75 9.00 -11.40
N GLN B 312 13.98 7.92 -11.53
CA GLN B 312 13.40 7.51 -12.80
C GLN B 312 11.91 7.84 -12.91
N PHE B 313 11.38 8.63 -11.98
CA PHE B 313 9.95 8.94 -11.97
C PHE B 313 9.55 9.70 -13.24
N THR B 314 10.28 10.78 -13.55
CA THR B 314 9.91 11.64 -14.66
C THR B 314 9.97 10.90 -15.99
N THR B 315 11.06 10.16 -16.22
CA THR B 315 11.16 9.39 -17.45
C THR B 315 10.06 8.33 -17.52
N SER B 316 9.74 7.71 -16.40
CA SER B 316 8.66 6.73 -16.36
C SER B 316 7.36 7.32 -16.89
N ILE B 317 6.90 8.39 -16.25
CA ILE B 317 5.59 8.94 -16.60
C ILE B 317 5.61 9.60 -17.97
N LEU B 318 6.72 10.27 -18.32
CA LEU B 318 6.80 10.89 -19.64
C LEU B 318 6.82 9.86 -20.75
N ARG B 319 7.48 8.71 -20.52
CA ARG B 319 7.45 7.63 -21.47
C ARG B 319 6.03 7.10 -21.66
N HIS B 320 5.33 6.86 -20.55
CA HIS B 320 3.95 6.37 -20.67
C HIS B 320 3.08 7.35 -21.45
N TRP B 321 3.16 8.64 -21.12
CA TRP B 321 2.34 9.63 -21.79
C TRP B 321 2.70 9.76 -23.27
N CYS B 322 4.00 9.73 -23.60
CA CYS B 322 4.40 9.84 -25.00
C CYS B 322 4.01 8.61 -25.78
N MET B 323 3.89 7.46 -25.13
CA MET B 323 3.43 6.27 -25.82
C MET B 323 1.91 6.25 -25.99
N LYS B 324 1.17 6.91 -25.10
CA LYS B 324 -0.29 6.92 -25.19
C LYS B 324 -0.86 8.21 -25.76
N HIS B 325 -0.17 9.35 -25.61
CA HIS B 325 -0.69 10.65 -26.03
C HIS B 325 0.45 11.48 -26.62
N ASP B 326 1.04 10.99 -27.73
CA ASP B 326 2.26 11.60 -28.26
C ASP B 326 2.03 13.04 -28.69
N GLU B 327 0.95 13.30 -29.43
CA GLU B 327 0.71 14.64 -29.96
C GLU B 327 0.38 15.62 -28.85
N LEU B 328 -0.48 15.23 -27.91
CA LEU B 328 -0.84 16.11 -26.80
C LEU B 328 0.38 16.43 -25.94
N LEU B 329 1.18 15.41 -25.63
CA LEU B 329 2.38 15.65 -24.83
C LEU B 329 3.38 16.53 -25.58
N ALA B 330 3.51 16.35 -26.89
CA ALA B 330 4.39 17.20 -27.68
C ALA B 330 3.92 18.66 -27.66
N GLU B 331 2.60 18.86 -27.78
CA GLU B 331 2.05 20.20 -27.68
C GLU B 331 2.35 20.83 -26.32
N HIS B 332 2.12 20.06 -25.25
CA HIS B 332 2.37 20.58 -23.91
C HIS B 332 3.84 20.93 -23.71
N ILE B 333 4.73 20.07 -24.20
CA ILE B 333 6.16 20.31 -24.05
C ILE B 333 6.60 21.53 -24.83
N LYS B 334 6.07 21.70 -26.06
CA LYS B 334 6.37 22.89 -26.85
C LYS B 334 5.90 24.15 -26.13
N SER B 335 4.67 24.13 -25.62
CA SER B 335 4.13 25.28 -24.91
C SER B 335 4.99 25.62 -23.70
N LEU B 336 5.36 24.62 -22.91
CA LEU B 336 6.15 24.87 -21.71
C LEU B 336 7.56 25.32 -22.04
N LEU B 337 8.14 24.84 -23.15
CA LEU B 337 9.46 25.27 -23.55
C LEU B 337 9.44 26.74 -23.98
N ILE B 338 8.40 27.16 -24.69
CA ILE B 338 8.35 28.54 -25.12
C ILE B 338 7.95 29.46 -23.96
N LYS B 339 7.14 28.97 -23.02
CA LYS B 339 6.71 29.79 -21.90
C LYS B 339 7.85 30.14 -20.96
N ASN B 340 8.81 29.24 -20.79
CA ASN B 340 9.95 29.48 -19.91
C ASN B 340 11.18 29.89 -20.73
N ASN B 341 11.04 31.02 -21.40
CA ASN B 341 12.08 31.51 -22.30
C ASN B 341 11.90 32.99 -22.61
N LEU B 360 10.87 26.06 -12.37
CA LEU B 360 11.08 25.37 -13.64
C LEU B 360 11.97 26.18 -14.55
N THR B 361 13.12 25.62 -14.90
CA THR B 361 14.08 26.27 -15.77
C THR B 361 14.14 25.57 -17.13
N LEU B 362 14.68 26.30 -18.10
CA LEU B 362 14.87 25.76 -19.44
C LEU B 362 15.72 24.49 -19.42
N GLU B 363 16.84 24.54 -18.69
CA GLU B 363 17.78 23.43 -18.71
C GLU B 363 17.22 22.21 -18.00
N GLN B 364 16.38 22.41 -16.99
CA GLN B 364 15.70 21.29 -16.35
C GLN B 364 14.81 20.56 -17.35
N ILE B 365 13.99 21.31 -18.08
CA ILE B 365 13.14 20.72 -19.11
C ILE B 365 13.99 19.96 -20.12
N LEU B 366 15.07 20.59 -20.59
CA LEU B 366 15.89 19.97 -21.62
C LEU B 366 16.60 18.71 -21.11
N GLU B 367 17.00 18.68 -19.84
CA GLU B 367 17.62 17.48 -19.30
C GLU B 367 16.59 16.35 -19.16
N HIS B 368 15.39 16.69 -18.69
CA HIS B 368 14.34 15.67 -18.64
C HIS B 368 14.06 15.09 -20.01
N LEU B 369 13.98 15.95 -21.03
CA LEU B 369 13.72 15.46 -22.39
C LEU B 369 14.90 14.67 -22.94
N ASP B 370 16.14 15.03 -22.58
CA ASP B 370 17.28 14.24 -23.02
C ASP B 370 17.28 12.86 -22.38
N ASN B 371 16.90 12.79 -21.09
CA ASN B 371 16.75 11.49 -20.44
C ASN B 371 15.69 10.66 -21.15
N LEU B 372 14.55 11.28 -21.48
CA LEU B 372 13.51 10.55 -22.20
C LEU B 372 14.00 10.10 -23.58
N ARG B 373 14.77 10.94 -24.25
CA ARG B 373 15.29 10.60 -25.58
C ARG B 373 16.23 9.41 -25.50
N LEU B 374 17.12 9.39 -24.51
CA LEU B 374 18.00 8.24 -24.32
C LEU B 374 17.20 6.99 -23.99
N ASN B 375 16.13 7.13 -23.20
CA ASN B 375 15.36 5.97 -22.79
C ASN B 375 14.56 5.39 -23.95
N LEU B 376 14.03 6.25 -24.82
CA LEU B 376 13.14 5.80 -25.89
C LEU B 376 13.85 5.04 -26.99
N THR B 377 15.17 4.85 -26.90
CA THR B 377 15.89 4.07 -27.90
C THR B 377 15.71 2.57 -27.73
N ASN B 378 15.14 2.12 -26.61
CA ASN B 378 14.90 0.70 -26.40
C ASN B 378 13.54 0.23 -26.92
N THR B 379 12.71 1.16 -27.39
CA THR B 379 11.42 0.81 -27.99
C THR B 379 11.22 1.63 -29.26
N LYS B 380 10.70 0.97 -30.29
CA LYS B 380 10.45 1.65 -31.55
C LYS B 380 9.38 2.71 -31.36
N GLN B 381 9.65 3.92 -31.81
CA GLN B 381 8.71 5.03 -31.65
C GLN B 381 9.19 6.20 -32.51
N ASN B 382 8.47 7.32 -32.40
CA ASN B 382 8.69 8.48 -33.24
C ASN B 382 8.55 9.78 -32.46
N PHE B 383 8.49 9.73 -31.13
CA PHE B 383 8.04 10.88 -30.35
C PHE B 383 8.85 12.13 -30.67
N PHE B 384 10.16 12.00 -30.78
CA PHE B 384 10.99 13.18 -31.00
C PHE B 384 11.04 13.61 -32.45
N SER B 385 10.40 12.86 -33.36
CA SER B 385 10.26 13.29 -34.75
C SER B 385 9.05 14.20 -34.95
N GLN B 386 8.36 14.54 -33.87
CA GLN B 386 7.12 15.35 -33.95
C GLN B 386 7.42 16.83 -34.17
N THR B 387 6.66 17.47 -35.04
CA THR B 387 6.87 18.89 -35.35
C THR B 387 6.86 19.82 -34.13
N PRO B 388 5.94 19.70 -33.16
CA PRO B 388 5.93 20.68 -32.06
C PRO B 388 7.24 20.75 -31.28
N ILE B 389 7.79 19.61 -30.90
CA ILE B 389 8.99 19.64 -30.07
C ILE B 389 10.21 20.03 -30.89
N LEU B 390 10.26 19.66 -32.17
CA LEU B 390 11.35 20.13 -33.02
C LEU B 390 11.32 21.65 -33.15
N GLN B 391 10.13 22.20 -33.41
CA GLN B 391 9.97 23.65 -33.43
C GLN B 391 10.41 24.27 -32.11
N ALA B 392 10.05 23.66 -30.98
CA ALA B 392 10.40 24.22 -29.69
C ALA B 392 11.90 24.19 -29.45
N LEU B 393 12.55 23.07 -29.77
CA LEU B 393 14.00 22.95 -29.60
C LEU B 393 14.72 24.00 -30.45
N GLN B 394 14.31 24.15 -31.71
CA GLN B 394 14.94 25.16 -32.56
C GLN B 394 14.68 26.56 -32.04
N HIS B 395 13.45 26.82 -31.57
CA HIS B 395 13.11 28.13 -31.02
C HIS B 395 13.95 28.46 -29.79
N VAL B 396 14.31 27.45 -29.00
CA VAL B 396 14.83 27.70 -27.66
C VAL B 396 16.33 27.43 -27.52
N GLN B 397 16.99 26.88 -28.54
CA GLN B 397 18.43 26.64 -28.42
C GLN B 397 19.21 27.91 -28.06
N ALA B 398 18.79 29.06 -28.58
CA ALA B 398 19.59 30.27 -28.47
C ALA B 398 19.67 30.81 -27.04
N SER B 399 18.72 30.48 -26.18
CA SER B 399 18.74 31.00 -24.82
C SER B 399 19.70 30.25 -23.90
N CYS B 400 20.12 29.04 -24.29
CA CYS B 400 21.10 28.32 -23.50
C CYS B 400 22.46 29.02 -23.60
N ASP B 401 23.30 28.80 -22.58
CA ASP B 401 24.69 29.16 -22.74
C ASP B 401 25.42 28.08 -23.54
N GLU B 402 26.67 28.36 -23.90
CA GLU B 402 27.42 27.46 -24.76
C GLU B 402 27.61 26.10 -24.10
N ALA B 403 27.83 26.09 -22.77
CA ALA B 403 28.02 24.84 -22.07
C ALA B 403 26.79 23.94 -22.16
N HIS B 404 25.60 24.53 -22.09
CA HIS B 404 24.38 23.75 -22.23
C HIS B 404 24.01 23.51 -23.69
N LYS B 405 24.44 24.38 -24.60
CA LYS B 405 24.32 24.06 -26.02
C LYS B 405 25.12 22.81 -26.34
N MET B 406 26.26 22.62 -25.68
CA MET B 406 27.06 21.42 -25.88
C MET B 406 26.50 20.23 -25.11
N LYS B 407 26.01 20.47 -23.89
CA LYS B 407 25.45 19.39 -23.08
C LYS B 407 24.28 18.72 -23.80
N PHE B 408 23.44 19.49 -24.48
CA PHE B 408 22.27 18.98 -25.17
C PHE B 408 22.47 18.96 -26.69
N SER B 409 23.69 18.70 -27.15
CA SER B 409 23.97 18.77 -28.59
C SER B 409 23.26 17.66 -29.35
N ASP B 410 23.24 16.44 -28.79
CA ASP B 410 22.53 15.34 -29.46
C ASP B 410 21.03 15.59 -29.49
N LEU B 411 20.49 16.28 -28.48
CA LEU B 411 19.07 16.59 -28.47
C LEU B 411 18.73 17.71 -29.45
N PHE B 412 19.56 18.77 -29.46
CA PHE B 412 19.33 19.89 -30.37
C PHE B 412 19.51 19.51 -31.83
N SER B 413 20.05 18.33 -32.12
CA SER B 413 20.19 17.87 -33.50
C SER B 413 18.95 17.09 -33.92
N VAL C 9 16.74 -21.23 16.69
CA VAL C 9 15.82 -20.60 17.62
C VAL C 9 15.75 -19.10 17.34
N ASN C 10 16.91 -18.43 17.40
CA ASN C 10 16.95 -16.99 17.19
C ASN C 10 16.59 -16.63 15.75
N THR C 11 16.96 -17.47 14.79
CA THR C 11 16.62 -17.20 13.39
C THR C 11 15.12 -17.30 13.16
N GLU C 12 14.46 -18.26 13.82
CA GLU C 12 13.02 -18.39 13.69
C GLU C 12 12.30 -17.20 14.31
N LEU C 13 12.75 -16.78 15.50
CA LEU C 13 12.20 -15.57 16.12
C LEU C 13 12.42 -14.36 15.23
N LYS C 14 13.58 -14.30 14.56
CA LYS C 14 13.86 -13.18 13.65
C LYS C 14 12.92 -13.20 12.45
N ALA C 15 12.67 -14.37 11.92
CA ALA C 15 11.77 -14.52 10.76
C ALA C 15 10.37 -14.07 11.16
N GLN C 16 9.92 -14.45 12.36
CA GLN C 16 8.57 -14.09 12.81
C GLN C 16 8.49 -12.60 13.08
N ILE C 17 9.57 -12.03 13.63
CA ILE C 17 9.60 -10.59 13.95
C ILE C 17 9.57 -9.79 12.65
N MET C 18 10.33 -10.23 11.66
CA MET C 18 10.30 -9.54 10.37
C MET C 18 8.93 -9.62 9.73
N LYS C 19 8.25 -10.78 9.86
CA LYS C 19 6.87 -10.87 9.39
C LYS C 19 5.98 -9.84 10.08
N GLU C 20 6.20 -9.63 11.39
CA GLU C 20 5.37 -8.67 12.12
C GLU C 20 5.70 -7.23 11.71
N ILE C 21 6.97 -6.94 11.42
CA ILE C 21 7.39 -5.58 11.09
C ILE C 21 6.76 -5.14 9.76
N ARG C 22 6.62 -6.07 8.83
CA ARG C 22 6.10 -5.76 7.49
C ARG C 22 4.58 -5.82 7.42
N LYS C 23 3.89 -5.59 8.54
CA LYS C 23 2.44 -5.50 8.60
C LYS C 23 2.01 -4.08 9.01
N PRO C 24 0.88 -3.62 8.51
CA PRO C 24 0.36 -2.32 8.97
C PRO C 24 -0.20 -2.42 10.38
N GLY C 25 -0.37 -1.25 11.01
CA GLY C 25 -0.91 -1.17 12.35
C GLY C 25 0.16 -1.00 13.40
N ARG C 26 -0.27 -1.01 14.65
CA ARG C 26 0.59 -0.77 15.80
C ARG C 26 0.43 -1.87 16.85
N LYS C 27 0.30 -3.12 16.39
CA LYS C 27 0.21 -4.27 17.30
C LYS C 27 1.62 -4.80 17.54
N TYR C 28 2.31 -4.15 18.49
CA TYR C 28 3.71 -4.45 18.77
C TYR C 28 3.88 -5.54 19.82
N GLU C 29 2.80 -6.07 20.38
CA GLU C 29 2.89 -6.99 21.51
C GLU C 29 3.60 -8.28 21.12
N ARG C 30 3.29 -8.83 19.94
CA ARG C 30 3.94 -10.05 19.51
C ARG C 30 5.43 -9.83 19.26
N ILE C 31 5.80 -8.66 18.75
CA ILE C 31 7.21 -8.34 18.57
C ILE C 31 7.94 -8.42 19.91
N PHE C 32 7.36 -7.81 20.94
CA PHE C 32 7.99 -7.83 22.26
C PHE C 32 8.05 -9.24 22.83
N THR C 33 6.98 -10.02 22.65
CA THR C 33 6.96 -11.39 23.15
C THR C 33 8.05 -12.23 22.48
N LEU C 34 8.20 -12.10 21.16
CA LEU C 34 9.25 -12.86 20.47
C LEU C 34 10.63 -12.37 20.89
N LEU C 35 10.78 -11.06 21.12
CA LEU C 35 12.07 -10.54 21.59
C LEU C 35 12.44 -11.11 22.94
N LYS C 36 11.46 -11.33 23.82
CA LYS C 36 11.74 -11.84 25.15
C LYS C 36 12.21 -13.28 25.13
N HIS C 37 12.24 -13.91 23.95
CA HIS C 37 12.71 -15.28 23.81
C HIS C 37 14.06 -15.39 23.12
N VAL C 38 14.66 -14.27 22.71
CA VAL C 38 15.97 -14.31 22.07
C VAL C 38 16.99 -14.87 23.03
N GLN C 39 17.67 -15.94 22.61
CA GLN C 39 18.65 -16.60 23.44
C GLN C 39 20.06 -16.12 23.08
N GLY C 40 21.07 -16.81 23.58
CA GLY C 40 22.45 -16.45 23.33
C GLY C 40 22.97 -15.43 24.31
N SER C 41 24.22 -15.04 24.09
CA SER C 41 24.86 -14.04 24.93
C SER C 41 24.21 -12.67 24.72
N LEU C 42 24.60 -11.71 25.57
CA LEU C 42 23.98 -10.39 25.49
C LEU C 42 24.39 -9.65 24.22
N GLN C 43 25.60 -9.89 23.71
CA GLN C 43 26.00 -9.27 22.45
C GLN C 43 25.16 -9.80 21.29
N THR C 44 24.87 -11.11 21.30
CA THR C 44 23.98 -11.67 20.29
C THR C 44 22.63 -10.98 20.30
N ARG C 45 22.08 -10.76 21.49
CA ARG C 45 20.79 -10.08 21.60
C ARG C 45 20.88 -8.63 21.17
N LEU C 46 22.02 -7.97 21.43
CA LEU C 46 22.21 -6.61 20.95
C LEU C 46 22.20 -6.56 19.42
N ILE C 47 22.89 -7.49 18.78
CA ILE C 47 22.91 -7.55 17.32
C ILE C 47 21.51 -7.83 16.78
N PHE C 48 20.79 -8.74 17.45
CA PHE C 48 19.41 -9.04 17.08
C PHE C 48 18.54 -7.80 17.13
N LEU C 49 18.61 -7.05 18.24
CA LEU C 49 17.84 -5.83 18.36
C LEU C 49 18.22 -4.82 17.29
N GLN C 50 19.52 -4.73 16.96
CA GLN C 50 19.95 -3.78 15.94
C GLN C 50 19.36 -4.13 14.58
N ASN C 51 19.34 -5.41 14.22
CA ASN C 51 18.74 -5.81 12.95
C ASN C 51 17.24 -5.52 12.93
N VAL C 52 16.55 -5.81 14.03
CA VAL C 52 15.13 -5.52 14.12
C VAL C 52 14.87 -4.02 13.94
N ILE C 53 15.71 -3.20 14.57
CA ILE C 53 15.57 -1.74 14.45
C ILE C 53 15.79 -1.31 13.02
N LYS C 54 16.77 -1.91 12.35
CA LYS C 54 17.05 -1.56 10.95
C LYS C 54 15.83 -1.81 10.08
N GLU C 55 15.19 -2.99 10.25
CA GLU C 55 13.99 -3.27 9.45
C GLU C 55 12.86 -2.31 9.79
N ALA C 56 12.62 -2.10 11.09
CA ALA C 56 11.55 -1.19 11.51
C ALA C 56 11.73 0.19 10.90
N SER C 57 12.96 0.66 10.80
CA SER C 57 13.23 1.96 10.18
C SER C 57 13.11 1.89 8.66
N ARG C 58 13.41 0.74 8.06
CA ARG C 58 13.08 0.54 6.65
C ARG C 58 11.59 0.75 6.41
N PHE C 59 10.76 0.53 7.42
CA PHE C 59 9.34 0.87 7.30
C PHE C 59 8.96 2.13 8.09
N LYS C 60 9.95 2.92 8.52
CA LYS C 60 9.73 4.24 9.13
C LYS C 60 8.83 4.19 10.35
N LYS C 61 8.78 3.04 11.04
CA LYS C 61 7.98 2.90 12.26
C LYS C 61 8.79 3.46 13.41
N ARG C 62 8.60 4.76 13.68
CA ARG C 62 9.56 5.51 14.49
C ARG C 62 9.39 5.28 15.99
N MET C 63 8.15 5.22 16.48
CA MET C 63 7.97 5.03 17.93
C MET C 63 8.21 3.58 18.34
N LEU C 64 7.90 2.63 17.46
CA LEU C 64 8.38 1.27 17.67
C LEU C 64 9.90 1.25 17.80
N ILE C 65 10.59 2.06 16.99
CA ILE C 65 12.04 2.17 17.10
C ILE C 65 12.44 2.77 18.43
N GLU C 66 11.70 3.79 18.89
CA GLU C 66 11.96 4.37 20.20
C GLU C 66 11.92 3.30 21.29
N GLN C 67 10.88 2.47 21.26
CA GLN C 67 10.75 1.41 22.26
C GLN C 67 11.87 0.39 22.13
N LEU C 68 12.17 -0.04 20.90
CA LEU C 68 13.26 -1.00 20.69
C LEU C 68 14.59 -0.43 21.15
N GLU C 69 14.78 0.87 21.04
CA GLU C 69 16.02 1.49 21.49
C GLU C 69 16.07 1.60 23.00
N ASN C 70 14.93 1.80 23.65
CA ASN C 70 14.88 1.63 25.11
C ASN C 70 15.35 0.23 25.50
N PHE C 71 14.83 -0.79 24.80
CA PHE C 71 15.26 -2.17 25.03
C PHE C 71 16.77 -2.30 24.86
N LEU C 72 17.29 -1.75 23.76
CA LEU C 72 18.71 -1.86 23.44
C LEU C 72 19.56 -1.21 24.52
N ASP C 73 19.14 -0.04 25.01
CA ASP C 73 19.89 0.64 26.06
C ASP C 73 19.91 -0.18 27.35
N GLU C 74 18.77 -0.76 27.71
CA GLU C 74 18.74 -1.55 28.94
C GLU C 74 19.63 -2.79 28.82
N ILE C 75 19.60 -3.44 27.65
CA ILE C 75 20.46 -4.61 27.44
C ILE C 75 21.93 -4.20 27.48
N HIS C 76 22.25 -3.05 26.89
CA HIS C 76 23.63 -2.54 26.94
C HIS C 76 24.09 -2.33 28.37
N ARG C 77 23.23 -1.73 29.20
CA ARG C 77 23.60 -1.47 30.58
C ARG C 77 23.80 -2.77 31.37
N ARG C 78 22.90 -3.74 31.19
CA ARG C 78 23.05 -5.01 31.90
C ARG C 78 24.29 -5.76 31.44
N ALA C 79 24.64 -5.62 30.15
CA ALA C 79 25.87 -6.23 29.66
C ALA C 79 27.11 -5.55 30.23
N ASN C 80 27.05 -4.22 30.39
CA ASN C 80 28.16 -3.50 31.00
C ASN C 80 28.34 -3.91 32.45
N GLN C 81 27.24 -4.19 33.15
CA GLN C 81 27.34 -4.62 34.55
C GLN C 81 27.93 -6.03 34.64
N ILE C 82 27.53 -6.92 33.74
CA ILE C 82 28.02 -8.30 33.75
C ILE C 82 29.45 -8.36 33.24
#